data_3GYY
#
_entry.id   3GYY
#
_cell.length_a   74.740
_cell.length_b   64.980
_cell.length_c   121.500
_cell.angle_alpha   90.00
_cell.angle_beta   91.06
_cell.angle_gamma   90.00
#
_symmetry.space_group_name_H-M   'P 1 21 1'
#
loop_
_entity.id
_entity.type
_entity.pdbx_description
1 polymer 'Periplasmic substrate binding protein'
2 non-polymer 'ZINC ION'
3 water water
#
_entity_poly.entity_id   1
_entity_poly.type   'polypeptide(L)'
_entity_poly.pdbx_seq_one_letter_code
;MKAYKLLTTASIGALMLGMSTAAYSDNWRYAHEEYEGDVQDVFAQAFKGYVEDNSDHTVQVYRFGELGESDDIMEQTQNG
ILQFVNQSPGFTGSLIPSAQIFFIPYLMPTDMDTVLEFFDESKAINEMFPKLYAEHGLELLKMYPEGEMVVTADEPITSP
EDFDNKKIRTMTNPLLAETYKAFGATPTPLPWGEVYGGLQTGIIDGQENPIFWIESGGLYEVSPNLTFTSHGWFTTAMMA
NQDFYEGLSEEDQQLVQDAADAAYDHTIEHIKGLSEESLEKIKAASDEVTVTRLNDEQIQAFKERAPQVEEKFIEMTGEQ
GQELLDQFKADLKAVQSESEG
;
_entity_poly.pdbx_strand_id   A,B,C,D
#
loop_
_chem_comp.id
_chem_comp.type
_chem_comp.name
_chem_comp.formula
ZN non-polymer 'ZINC ION' 'Zn 2'
#
# COMPACT_ATOMS: atom_id res chain seq x y z
N ASP A 26 -6.08 0.10 61.45
CA ASP A 26 -5.64 -1.25 61.80
C ASP A 26 -5.80 -2.21 60.63
N ASN A 27 -7.04 -2.40 60.20
CA ASN A 27 -7.33 -3.23 59.03
C ASN A 27 -7.42 -2.38 57.76
N TRP A 28 -7.01 -2.94 56.63
CA TRP A 28 -6.93 -2.20 55.38
C TRP A 28 -8.14 -2.45 54.48
N ARG A 29 -8.84 -1.38 54.11
CA ARG A 29 -10.04 -1.50 53.28
C ARG A 29 -9.79 -1.41 51.77
N TYR A 30 -10.17 -2.47 51.06
CA TYR A 30 -9.86 -2.67 49.64
C TYR A 30 -11.14 -2.91 48.83
N ALA A 31 -11.47 -1.99 47.92
CA ALA A 31 -12.67 -2.14 47.10
C ALA A 31 -12.37 -2.26 45.61
N HIS A 32 -13.04 -3.19 44.94
CA HIS A 32 -12.98 -3.24 43.48
C HIS A 32 -14.35 -3.20 42.79
N GLU A 33 -14.35 -3.28 41.45
CA GLU A 33 -15.52 -3.08 40.62
C GLU A 33 -16.35 -4.34 40.35
N GLU A 34 -15.81 -5.51 40.68
CA GLU A 34 -16.44 -6.73 40.19
C GLU A 34 -16.94 -7.66 41.27
N TYR A 35 -17.44 -8.80 40.84
CA TYR A 35 -17.97 -9.80 41.77
C TYR A 35 -16.92 -10.86 41.98
N GLU A 36 -17.09 -11.63 43.04
CA GLU A 36 -16.17 -12.72 43.38
C GLU A 36 -15.89 -13.63 42.18
N GLY A 37 -14.62 -13.95 41.97
CA GLY A 37 -14.23 -14.82 40.87
C GLY A 37 -13.75 -14.06 39.65
N ASP A 38 -14.26 -12.85 39.46
CA ASP A 38 -13.82 -11.99 38.35
C ASP A 38 -12.33 -11.66 38.44
N VAL A 39 -11.74 -11.19 37.34
CA VAL A 39 -10.31 -10.89 37.29
C VAL A 39 -9.84 -9.96 38.41
N GLN A 40 -10.54 -8.84 38.58
CA GLN A 40 -10.16 -7.87 39.61
C GLN A 40 -10.22 -8.50 41.01
N ASP A 41 -11.19 -9.39 41.21
CA ASP A 41 -11.29 -10.07 42.49
C ASP A 41 -10.13 -11.06 42.65
N VAL A 42 -9.75 -11.71 41.55
CA VAL A 42 -8.59 -12.60 41.57
C VAL A 42 -7.32 -11.85 41.94
N PHE A 43 -7.16 -10.66 41.38
CA PHE A 43 -6.01 -9.83 41.67
C PHE A 43 -6.09 -9.43 43.14
N ALA A 44 -7.26 -8.99 43.56
CA ALA A 44 -7.47 -8.50 44.91
C ALA A 44 -7.14 -9.58 45.95
N GLN A 45 -7.70 -10.78 45.75
CA GLN A 45 -7.49 -11.86 46.70
C GLN A 45 -6.01 -12.25 46.77
N ALA A 46 -5.32 -12.23 45.62
CA ALA A 46 -3.90 -12.57 45.58
C ALA A 46 -3.06 -11.48 46.22
N PHE A 47 -3.57 -10.26 46.19
CA PHE A 47 -2.94 -9.15 46.89
C PHE A 47 -3.16 -9.29 48.39
N LYS A 48 -4.39 -9.59 48.76
CA LYS A 48 -4.77 -9.79 50.15
C LYS A 48 -3.96 -10.95 50.71
N GLY A 49 -3.89 -12.04 49.94
CA GLY A 49 -3.11 -13.20 50.32
C GLY A 49 -1.69 -12.85 50.70
N TYR A 50 -0.98 -12.15 49.82
CA TYR A 50 0.42 -11.87 50.05
C TYR A 50 0.64 -11.03 51.30
N VAL A 51 -0.23 -10.05 51.52
CA VAL A 51 -0.09 -9.17 52.68
C VAL A 51 -0.30 -9.94 53.98
N GLU A 52 -1.34 -10.76 54.01
CA GLU A 52 -1.68 -11.50 55.21
C GLU A 52 -0.71 -12.64 55.46
N ASP A 53 -0.13 -13.18 54.40
CA ASP A 53 0.86 -14.24 54.52
C ASP A 53 2.22 -13.72 54.98
N ASN A 54 2.45 -12.42 54.84
CA ASN A 54 3.74 -11.84 55.16
C ASN A 54 3.69 -10.78 56.24
N SER A 55 2.59 -10.75 56.99
CA SER A 55 2.39 -9.70 57.98
C SER A 55 1.19 -10.00 58.83
N ASP A 56 0.93 -9.10 59.77
CA ASP A 56 -0.22 -9.24 60.66
C ASP A 56 -1.41 -8.45 60.12
N HIS A 57 -1.15 -7.50 59.24
CA HIS A 57 -2.22 -6.70 58.63
C HIS A 57 -3.22 -7.61 57.94
N THR A 58 -4.44 -7.12 57.79
CA THR A 58 -5.48 -7.82 57.07
C THR A 58 -6.10 -6.89 56.00
N VAL A 59 -6.32 -7.44 54.81
CA VAL A 59 -6.94 -6.66 53.74
C VAL A 59 -8.41 -7.02 53.62
N GLN A 60 -9.27 -6.05 53.96
CA GLN A 60 -10.71 -6.23 53.88
C GLN A 60 -11.20 -5.92 52.46
N VAL A 61 -11.57 -6.95 51.72
CA VAL A 61 -12.01 -6.78 50.33
C VAL A 61 -13.48 -6.39 50.23
N TYR A 62 -13.79 -5.57 49.23
CA TYR A 62 -15.15 -5.17 48.95
C TYR A 62 -15.41 -5.40 47.47
N ARG A 63 -16.29 -6.34 47.16
CA ARG A 63 -16.72 -6.55 45.79
C ARG A 63 -17.85 -5.58 45.44
N PHE A 64 -18.42 -5.71 44.25
CA PHE A 64 -19.39 -4.73 43.79
C PHE A 64 -20.64 -4.62 44.67
N GLY A 65 -21.07 -3.39 44.91
CA GLY A 65 -22.30 -3.12 45.63
C GLY A 65 -22.22 -3.21 47.15
N GLU A 66 -21.12 -3.75 47.64
CA GLU A 66 -20.98 -4.07 49.06
C GLU A 66 -20.72 -2.82 49.92
N LEU A 67 -20.68 -1.66 49.27
CA LEU A 67 -20.46 -0.40 49.97
C LEU A 67 -21.54 0.65 49.64
N GLY A 68 -22.68 0.18 49.14
CA GLY A 68 -23.78 1.06 48.80
C GLY A 68 -23.97 1.17 47.30
N ILE A 73 -17.00 4.85 44.95
CA ILE A 73 -15.97 4.30 45.82
C ILE A 73 -14.63 5.00 45.60
N MET A 74 -14.43 5.52 44.41
CA MET A 74 -13.20 6.27 44.11
C MET A 74 -13.04 7.47 45.04
N GLU A 75 -14.14 8.20 45.25
CA GLU A 75 -14.10 9.37 46.12
C GLU A 75 -13.76 8.96 47.56
N GLN A 76 -14.21 7.78 47.96
CA GLN A 76 -13.94 7.28 49.30
C GLN A 76 -12.45 7.07 49.51
N THR A 77 -11.80 6.46 48.52
CA THR A 77 -10.36 6.25 48.58
C THR A 77 -9.63 7.59 48.63
N GLN A 78 -10.11 8.55 47.85
CA GLN A 78 -9.54 9.89 47.86
C GLN A 78 -9.64 10.53 49.24
N ASN A 79 -10.70 10.20 49.97
CA ASN A 79 -10.96 10.80 51.27
C ASN A 79 -10.37 10.01 52.44
N GLY A 80 -9.70 8.91 52.13
CA GLY A 80 -9.07 8.09 53.15
C GLY A 80 -9.99 7.08 53.80
N ILE A 81 -11.27 7.14 53.47
CA ILE A 81 -12.23 6.18 54.02
C ILE A 81 -11.88 4.75 53.59
N LEU A 82 -11.46 4.61 52.35
CA LEU A 82 -10.88 3.35 51.87
C LEU A 82 -9.38 3.54 51.76
N GLN A 83 -8.64 2.42 51.78
CA GLN A 83 -7.18 2.49 51.61
C GLN A 83 -6.77 2.07 50.20
N PHE A 84 -7.44 1.04 49.67
CA PHE A 84 -7.13 0.51 48.35
C PHE A 84 -8.38 0.45 47.48
N VAL A 85 -8.22 0.77 46.21
CA VAL A 85 -9.32 0.64 45.26
C VAL A 85 -8.83 0.09 43.93
N ASN A 86 -9.69 -0.70 43.29
CA ASN A 86 -9.41 -1.20 41.95
C ASN A 86 -10.46 -0.72 40.98
N GLN A 87 -10.10 0.30 40.19
CA GLN A 87 -11.03 0.89 39.23
C GLN A 87 -10.35 1.08 37.87
N SER A 88 -11.03 0.65 36.80
CA SER A 88 -10.47 0.73 35.46
C SER A 88 -10.41 2.18 34.99
N PRO A 89 -9.25 2.59 34.47
CA PRO A 89 -9.06 3.96 33.98
C PRO A 89 -10.16 4.36 32.99
N GLY A 90 -10.73 3.40 32.27
CA GLY A 90 -11.80 3.68 31.34
C GLY A 90 -13.08 4.21 31.97
N PHE A 91 -13.32 3.83 33.21
CA PHE A 91 -14.51 4.30 33.93
C PHE A 91 -14.16 5.35 34.96
N THR A 92 -13.03 6.03 34.73
CA THR A 92 -12.53 7.03 35.65
C THR A 92 -12.46 8.38 34.94
N GLY A 93 -13.21 8.50 33.85
CA GLY A 93 -13.22 9.71 33.04
C GLY A 93 -13.65 10.95 33.78
N SER A 94 -14.57 10.79 34.73
CA SER A 94 -15.10 11.91 35.51
C SER A 94 -14.07 12.61 36.40
N LEU A 95 -13.16 11.84 37.00
CA LEU A 95 -12.11 12.41 37.85
C LEU A 95 -10.84 12.67 37.04
N ILE A 96 -10.49 11.72 36.18
CA ILE A 96 -9.31 11.83 35.34
C ILE A 96 -9.67 11.54 33.89
N PRO A 97 -10.03 12.57 33.14
CA PRO A 97 -10.47 12.37 31.75
C PRO A 97 -9.45 11.54 30.96
N SER A 98 -8.18 11.90 31.06
CA SER A 98 -7.11 11.24 30.31
C SER A 98 -7.02 9.73 30.57
N ALA A 99 -7.62 9.25 31.65
CA ALA A 99 -7.55 7.83 31.99
C ALA A 99 -8.26 6.96 30.95
N GLN A 100 -9.17 7.57 30.21
CA GLN A 100 -9.95 6.90 29.17
C GLN A 100 -9.11 6.49 27.97
N ILE A 101 -7.86 6.94 27.93
CA ILE A 101 -6.99 6.74 26.76
C ILE A 101 -6.95 5.29 26.28
N PHE A 102 -7.10 4.33 27.19
CA PHE A 102 -6.98 2.92 26.85
C PHE A 102 -8.09 2.45 25.90
N PHE A 103 -9.09 3.29 25.68
CA PHE A 103 -10.17 2.96 24.76
C PHE A 103 -9.88 3.35 23.31
N ILE A 104 -8.68 3.85 23.07
CA ILE A 104 -8.25 4.14 21.71
C ILE A 104 -7.79 2.85 21.05
N PRO A 105 -8.38 2.51 19.90
CA PRO A 105 -7.99 1.28 19.21
C PRO A 105 -6.51 1.32 18.84
N TYR A 106 -5.81 0.21 19.07
CA TYR A 106 -4.41 0.06 18.66
C TYR A 106 -3.46 1.00 19.38
N LEU A 107 -3.90 1.56 20.50
CA LEU A 107 -3.02 2.33 21.36
C LEU A 107 -1.80 1.50 21.75
N MET A 108 -2.03 0.21 21.98
CA MET A 108 -0.99 -0.68 22.48
C MET A 108 -0.72 -1.81 21.48
N PRO A 109 0.39 -2.55 21.69
CA PRO A 109 0.77 -3.64 20.78
C PRO A 109 -0.37 -4.63 20.58
N THR A 110 -0.30 -5.44 19.52
CA THR A 110 -1.41 -6.32 19.17
C THR A 110 -1.28 -7.74 19.74
N ASP A 111 -0.08 -8.16 20.08
CA ASP A 111 0.12 -9.51 20.60
C ASP A 111 0.28 -9.53 22.12
N MET A 112 -0.32 -10.53 22.75
CA MET A 112 -0.30 -10.69 24.20
C MET A 112 1.11 -10.55 24.81
N ASP A 113 2.11 -11.09 24.12
CA ASP A 113 3.49 -11.03 24.61
C ASP A 113 4.04 -9.61 24.66
N THR A 114 3.81 -8.84 23.60
CA THR A 114 4.37 -7.50 23.49
C THR A 114 3.59 -6.47 24.32
N VAL A 115 2.31 -6.73 24.54
CA VAL A 115 1.54 -5.87 25.42
C VAL A 115 2.06 -5.96 26.86
N LEU A 116 2.36 -7.18 27.29
CA LEU A 116 2.98 -7.42 28.59
C LEU A 116 4.33 -6.74 28.68
N GLU A 117 5.05 -6.72 27.57
CA GLU A 117 6.32 -6.00 27.52
C GLU A 117 6.00 -4.52 27.71
N PHE A 118 4.93 -4.08 27.06
CA PHE A 118 4.48 -2.69 27.09
C PHE A 118 4.12 -2.21 28.50
N PHE A 119 3.29 -2.97 29.20
CA PHE A 119 2.93 -2.65 30.58
C PHE A 119 4.14 -2.59 31.50
N ASP A 120 5.22 -3.25 31.08
CA ASP A 120 6.42 -3.29 31.90
C ASP A 120 7.39 -2.14 31.63
N GLU A 121 7.53 -1.76 30.37
CA GLU A 121 8.54 -0.77 29.99
C GLU A 121 7.99 0.61 29.68
N SER A 122 6.70 0.70 29.40
CA SER A 122 6.07 1.96 29.00
C SER A 122 6.25 3.11 29.99
N LYS A 123 6.99 4.13 29.57
CA LYS A 123 7.16 5.34 30.37
C LYS A 123 5.80 5.97 30.66
N ALA A 124 4.87 5.83 29.72
CA ALA A 124 3.54 6.40 29.89
C ALA A 124 2.78 5.71 31.03
N ILE A 125 2.84 4.39 31.05
CA ILE A 125 2.17 3.60 32.09
C ILE A 125 2.92 3.68 33.41
N ASN A 126 4.24 3.58 33.36
CA ASN A 126 5.05 3.45 34.57
C ASN A 126 5.53 4.75 35.21
N GLU A 127 5.55 5.85 34.45
CA GLU A 127 5.98 7.13 35.00
C GLU A 127 4.91 8.22 34.93
N MET A 128 4.30 8.41 33.76
CA MET A 128 3.31 9.47 33.60
C MET A 128 2.02 9.21 34.37
N PHE A 129 1.40 8.04 34.15
CA PHE A 129 0.14 7.73 34.82
C PHE A 129 0.13 7.92 36.34
N PRO A 130 1.14 7.41 37.07
CA PRO A 130 1.11 7.62 38.52
C PRO A 130 1.07 9.10 38.84
N LYS A 131 1.76 9.91 38.04
CA LYS A 131 1.67 11.36 38.20
C LYS A 131 0.21 11.83 38.13
N LEU A 132 -0.52 11.38 37.13
CA LEU A 132 -1.92 11.77 36.96
C LEU A 132 -2.78 11.39 38.16
N TYR A 133 -2.52 10.23 38.74
CA TYR A 133 -3.32 9.77 39.88
C TYR A 133 -2.86 10.49 41.13
N ALA A 134 -1.59 10.90 41.12
CA ALA A 134 -1.03 11.63 42.24
C ALA A 134 -1.75 12.96 42.43
N GLU A 135 -2.02 13.65 41.32
CA GLU A 135 -2.69 14.94 41.36
C GLU A 135 -4.08 14.83 41.97
N HIS A 136 -4.57 13.60 42.11
CA HIS A 136 -5.89 13.40 42.70
C HIS A 136 -5.83 12.64 44.01
N GLY A 137 -4.62 12.49 44.53
CA GLY A 137 -4.41 11.95 45.87
C GLY A 137 -4.39 10.43 45.94
N LEU A 138 -4.07 9.80 44.83
CA LEU A 138 -4.03 8.34 44.77
C LEU A 138 -2.62 7.86 44.44
N GLU A 139 -2.16 6.89 45.21
CA GLU A 139 -0.89 6.21 44.91
C GLU A 139 -1.18 5.06 43.95
N LEU A 140 -0.81 5.24 42.68
CA LEU A 140 -1.04 4.20 41.68
C LEU A 140 -0.07 3.03 41.89
N LEU A 141 -0.62 1.85 42.16
CA LEU A 141 0.20 0.68 42.45
C LEU A 141 0.43 -0.25 41.26
N LYS A 142 -0.63 -0.51 40.50
CA LYS A 142 -0.50 -1.41 39.36
C LYS A 142 -1.55 -1.17 38.30
N MET A 143 -1.12 -1.12 37.04
CA MET A 143 -2.02 -1.17 35.90
C MET A 143 -1.78 -2.49 35.17
N TYR A 144 -2.86 -3.18 34.78
CA TYR A 144 -2.72 -4.49 34.12
C TYR A 144 -3.86 -4.78 33.16
N PRO A 145 -3.57 -5.52 32.07
CA PRO A 145 -4.61 -5.95 31.12
C PRO A 145 -5.44 -7.09 31.70
N GLU A 146 -6.76 -7.02 31.57
CA GLU A 146 -7.63 -8.10 31.98
C GLU A 146 -7.81 -9.13 30.87
N GLY A 147 -7.48 -8.74 29.64
CA GLY A 147 -7.63 -9.63 28.51
C GLY A 147 -7.91 -8.91 27.20
N GLU A 148 -7.75 -9.61 26.09
CA GLU A 148 -7.93 -9.03 24.77
C GLU A 148 -9.41 -8.90 24.42
N MET A 149 -9.77 -7.78 23.78
CA MET A 149 -11.14 -7.61 23.31
C MET A 149 -11.37 -8.56 22.13
N VAL A 150 -12.53 -9.20 22.13
CA VAL A 150 -12.90 -10.07 21.03
C VAL A 150 -14.25 -9.62 20.50
N VAL A 151 -14.37 -9.56 19.18
CA VAL A 151 -15.65 -9.25 18.54
C VAL A 151 -16.42 -10.52 18.18
N THR A 152 -17.69 -10.58 18.56
CA THR A 152 -18.57 -11.61 18.04
C THR A 152 -19.65 -10.98 17.18
N ALA A 153 -20.04 -11.66 16.12
CA ALA A 153 -21.13 -11.18 15.25
C ALA A 153 -21.82 -12.35 14.55
N ASP A 154 -22.86 -12.04 13.78
CA ASP A 154 -23.60 -13.06 13.04
C ASP A 154 -22.93 -13.36 11.70
N GLU A 155 -21.77 -12.75 11.50
CA GLU A 155 -20.94 -12.96 10.32
C GLU A 155 -19.49 -12.86 10.78
N PRO A 156 -18.56 -13.42 10.00
CA PRO A 156 -17.14 -13.22 10.30
C PRO A 156 -16.66 -11.85 9.82
N ILE A 157 -15.75 -11.22 10.56
CA ILE A 157 -15.29 -9.87 10.26
C ILE A 157 -13.85 -9.86 9.79
N THR A 158 -13.60 -9.32 8.60
CA THR A 158 -12.28 -9.38 8.00
C THR A 158 -11.75 -8.00 7.60
N SER A 159 -12.67 -7.04 7.46
CA SER A 159 -12.31 -5.67 7.12
C SER A 159 -13.31 -4.70 7.73
N PRO A 160 -12.90 -3.42 7.86
CA PRO A 160 -13.82 -2.39 8.37
C PRO A 160 -15.18 -2.48 7.68
N GLU A 161 -15.17 -2.74 6.39
CA GLU A 161 -16.39 -2.75 5.61
C GLU A 161 -17.40 -3.77 6.15
N ASP A 162 -16.89 -4.86 6.73
CA ASP A 162 -17.77 -5.89 7.28
C ASP A 162 -18.60 -5.38 8.48
N PHE A 163 -18.19 -4.23 9.04
CA PHE A 163 -18.90 -3.63 10.17
C PHE A 163 -20.09 -2.78 9.74
N ASP A 164 -20.13 -2.45 8.45
CA ASP A 164 -21.18 -1.60 7.89
C ASP A 164 -22.58 -2.15 8.20
N ASN A 165 -23.44 -1.29 8.70
CA ASN A 165 -24.81 -1.67 9.03
C ASN A 165 -24.92 -2.72 10.14
N LYS A 166 -23.87 -2.87 10.94
CA LYS A 166 -23.94 -3.80 12.07
C LYS A 166 -24.05 -3.07 13.40
N LYS A 167 -25.15 -3.31 14.10
CA LYS A 167 -25.40 -2.71 15.40
C LYS A 167 -24.57 -3.42 16.48
N ILE A 168 -23.44 -2.81 16.85
CA ILE A 168 -22.53 -3.41 17.82
C ILE A 168 -22.73 -2.83 19.21
N ARG A 169 -22.76 -3.72 20.20
CA ARG A 169 -22.86 -3.32 21.59
C ARG A 169 -21.49 -3.40 22.24
N THR A 170 -21.11 -2.32 22.92
CA THR A 170 -19.88 -2.30 23.70
C THR A 170 -20.19 -1.73 25.06
N MET A 171 -19.19 -1.72 25.93
CA MET A 171 -19.34 -0.99 27.19
C MET A 171 -19.59 0.47 26.84
N THR A 172 -20.27 1.18 27.72
CA THR A 172 -20.64 2.56 27.45
C THR A 172 -19.51 3.55 27.69
N ASN A 173 -19.01 4.12 26.59
CA ASN A 173 -18.06 5.21 26.64
C ASN A 173 -17.95 5.82 25.26
N PRO A 174 -17.95 7.15 25.19
CA PRO A 174 -17.88 7.87 23.92
C PRO A 174 -16.74 7.36 23.03
N LEU A 175 -15.64 6.92 23.62
CA LEU A 175 -14.50 6.45 22.84
C LEU A 175 -14.73 5.05 22.26
N LEU A 176 -15.56 4.25 22.93
CA LEU A 176 -15.87 2.91 22.43
C LEU A 176 -16.87 2.98 21.29
N ALA A 177 -17.84 3.88 21.39
CA ALA A 177 -18.80 4.09 20.31
C ALA A 177 -18.08 4.67 19.11
N GLU A 178 -17.12 5.55 19.36
CA GLU A 178 -16.39 6.21 18.27
C GLU A 178 -15.53 5.22 17.50
N THR A 179 -14.94 4.27 18.23
CA THR A 179 -14.14 3.22 17.60
C THR A 179 -14.97 2.51 16.54
N TYR A 180 -16.21 2.22 16.87
CA TYR A 180 -17.08 1.45 16.00
C TYR A 180 -17.79 2.33 14.98
N LYS A 181 -18.01 3.60 15.32
CA LYS A 181 -18.54 4.55 14.36
C LYS A 181 -17.53 4.69 13.24
N ALA A 182 -16.25 4.71 13.62
CA ALA A 182 -15.16 4.80 12.65
C ALA A 182 -14.99 3.53 11.85
N PHE A 183 -15.29 2.38 12.47
CA PHE A 183 -15.20 1.11 11.76
C PHE A 183 -16.35 0.94 10.76
N GLY A 184 -17.36 1.80 10.87
CA GLY A 184 -18.48 1.76 9.95
C GLY A 184 -19.80 1.34 10.59
N ALA A 185 -19.71 0.84 11.82
CA ALA A 185 -20.86 0.25 12.48
C ALA A 185 -21.75 1.27 13.19
N THR A 186 -22.91 0.79 13.64
CA THR A 186 -23.84 1.59 14.40
C THR A 186 -23.77 1.15 15.86
N PRO A 187 -23.08 1.94 16.70
CA PRO A 187 -22.98 1.68 18.15
C PRO A 187 -24.37 1.58 18.75
N THR A 188 -24.61 0.55 19.57
CA THR A 188 -25.94 0.31 20.12
C THR A 188 -25.88 -0.07 21.59
N PRO A 189 -26.29 0.86 22.47
CA PRO A 189 -26.24 0.68 23.93
C PRO A 189 -27.19 -0.42 24.40
N LEU A 190 -26.83 -1.11 25.46
CA LEU A 190 -27.65 -2.19 25.98
C LEU A 190 -27.07 -2.66 27.31
N PRO A 191 -27.89 -2.69 28.36
CA PRO A 191 -27.40 -3.16 29.66
C PRO A 191 -26.85 -4.58 29.55
N TRP A 192 -25.82 -4.90 30.31
CA TRP A 192 -25.15 -6.19 30.19
C TRP A 192 -26.10 -7.38 30.19
N GLY A 193 -27.01 -7.40 31.17
CA GLY A 193 -27.92 -8.52 31.33
C GLY A 193 -28.89 -8.70 30.18
N GLU A 194 -28.93 -7.75 29.26
CA GLU A 194 -29.84 -7.82 28.11
C GLU A 194 -29.10 -8.12 26.81
N VAL A 195 -27.77 -8.18 26.91
CA VAL A 195 -26.93 -8.39 25.74
C VAL A 195 -27.18 -9.73 25.05
N TYR A 196 -27.21 -10.81 25.84
CA TYR A 196 -27.50 -12.13 25.29
C TYR A 196 -28.81 -12.11 24.48
N GLY A 197 -29.90 -11.67 25.10
CA GLY A 197 -31.20 -11.67 24.48
C GLY A 197 -31.35 -10.74 23.29
N GLY A 198 -30.50 -9.69 23.24
CA GLY A 198 -30.51 -8.76 22.13
C GLY A 198 -29.79 -9.34 20.91
N LEU A 199 -28.82 -10.20 21.19
CA LEU A 199 -28.10 -10.90 20.14
C LEU A 199 -29.03 -11.94 19.52
N GLN A 200 -29.78 -12.63 20.37
CA GLN A 200 -30.72 -13.64 19.91
C GLN A 200 -31.82 -13.01 19.06
N THR A 201 -32.38 -11.90 19.51
CA THR A 201 -33.50 -11.30 18.78
C THR A 201 -33.05 -10.54 17.54
N GLY A 202 -31.82 -10.04 17.55
CA GLY A 202 -31.32 -9.24 16.45
C GLY A 202 -31.39 -7.76 16.77
N ILE A 203 -31.82 -7.43 17.99
CA ILE A 203 -31.75 -6.07 18.48
C ILE A 203 -30.33 -5.53 18.28
N ILE A 204 -29.34 -6.41 18.43
CA ILE A 204 -27.95 -6.11 18.07
C ILE A 204 -27.37 -7.25 17.25
N ASP A 205 -26.38 -6.94 16.43
CA ASP A 205 -25.77 -7.93 15.56
C ASP A 205 -24.42 -8.44 16.07
N GLY A 206 -23.86 -7.72 17.03
CA GLY A 206 -22.56 -8.09 17.56
C GLY A 206 -22.15 -7.30 18.79
N GLN A 207 -21.09 -7.75 19.45
CA GLN A 207 -20.58 -7.10 20.64
C GLN A 207 -19.09 -7.37 20.75
N GLU A 208 -18.43 -6.70 21.69
CA GLU A 208 -17.04 -6.99 22.02
C GLU A 208 -16.89 -7.24 23.51
N ASN A 209 -16.12 -8.28 23.83
CA ASN A 209 -15.85 -8.66 25.22
C ASN A 209 -14.64 -9.57 25.24
N PRO A 210 -14.01 -9.73 26.41
CA PRO A 210 -12.93 -10.71 26.55
C PRO A 210 -13.50 -12.09 26.32
N ILE A 211 -12.68 -13.00 25.79
CA ILE A 211 -13.15 -14.36 25.51
C ILE A 211 -13.82 -15.06 26.71
N PHE A 212 -13.34 -14.78 27.92
CA PHE A 212 -13.88 -15.44 29.11
C PHE A 212 -15.29 -14.95 29.49
N TRP A 213 -15.58 -13.69 29.23
CA TRP A 213 -16.94 -13.18 29.39
C TRP A 213 -17.81 -13.69 28.24
N ILE A 214 -17.19 -13.89 27.08
CA ILE A 214 -17.88 -14.48 25.95
C ILE A 214 -18.29 -15.92 26.25
N GLU A 215 -17.34 -16.72 26.72
CA GLU A 215 -17.62 -18.10 27.09
C GLU A 215 -18.62 -18.18 28.25
N SER A 216 -18.32 -17.46 29.32
CA SER A 216 -19.12 -17.52 30.55
C SER A 216 -20.55 -17.02 30.37
N GLY A 217 -20.72 -15.95 29.59
CA GLY A 217 -22.05 -15.46 29.28
C GLY A 217 -22.75 -16.30 28.23
N GLY A 218 -22.01 -17.17 27.58
CA GLY A 218 -22.54 -18.04 26.55
C GLY A 218 -22.97 -17.27 25.32
N LEU A 219 -22.37 -16.11 25.10
CA LEU A 219 -22.75 -15.24 23.98
C LEU A 219 -22.50 -15.92 22.65
N TYR A 220 -21.56 -16.87 22.65
CA TYR A 220 -21.24 -17.63 21.45
C TYR A 220 -22.39 -18.54 21.02
N GLU A 221 -23.39 -18.70 21.88
CA GLU A 221 -24.54 -19.55 21.54
C GLU A 221 -25.48 -18.84 20.59
N VAL A 222 -25.41 -17.51 20.58
CA VAL A 222 -26.31 -16.70 19.78
C VAL A 222 -25.54 -15.73 18.89
N SER A 223 -24.21 -15.79 18.95
CA SER A 223 -23.35 -14.90 18.16
C SER A 223 -22.04 -15.61 17.86
N PRO A 224 -22.08 -16.56 16.92
CA PRO A 224 -21.10 -17.65 16.81
C PRO A 224 -19.77 -17.27 16.14
N ASN A 225 -19.70 -16.13 15.48
CA ASN A 225 -18.47 -15.76 14.78
C ASN A 225 -17.55 -14.83 15.58
N LEU A 226 -16.43 -15.37 16.04
CA LEU A 226 -15.45 -14.59 16.80
C LEU A 226 -14.37 -14.04 15.87
N THR A 227 -14.01 -12.78 16.07
CA THR A 227 -12.91 -12.17 15.34
C THR A 227 -11.94 -11.48 16.30
N PHE A 228 -10.67 -11.89 16.24
CA PHE A 228 -9.63 -11.25 17.02
C PHE A 228 -9.02 -10.10 16.23
N THR A 229 -9.49 -8.89 16.54
CA THR A 229 -9.06 -7.67 15.85
C THR A 229 -7.79 -7.09 16.45
N SER A 230 -7.55 -7.39 17.73
CA SER A 230 -6.33 -6.98 18.42
C SER A 230 -6.26 -5.49 18.75
N HIS A 231 -7.39 -4.81 18.62
CA HIS A 231 -7.41 -3.35 18.77
C HIS A 231 -7.43 -2.90 20.23
N GLY A 232 -7.98 -3.74 21.10
CA GLY A 232 -8.17 -3.36 22.48
C GLY A 232 -7.79 -4.40 23.51
N TRP A 233 -7.27 -3.92 24.64
CA TRP A 233 -7.02 -4.75 25.80
C TRP A 233 -7.69 -4.07 26.98
N PHE A 234 -8.73 -4.69 27.54
CA PHE A 234 -9.39 -4.05 28.66
C PHE A 234 -8.41 -3.89 29.81
N THR A 235 -7.96 -2.66 30.02
CA THR A 235 -6.95 -2.35 31.02
C THR A 235 -7.62 -1.89 32.29
N THR A 236 -7.14 -2.40 33.42
CA THR A 236 -7.62 -1.94 34.71
C THR A 236 -6.45 -1.47 35.59
N ALA A 237 -6.78 -0.94 36.77
CA ALA A 237 -5.77 -0.31 37.61
C ALA A 237 -6.08 -0.49 39.10
N MET A 238 -5.03 -0.65 39.90
CA MET A 238 -5.16 -0.75 41.35
C MET A 238 -4.29 0.31 42.04
N MET A 239 -4.85 0.98 43.05
CA MET A 239 -4.17 2.10 43.71
C MET A 239 -4.55 2.24 45.18
N ALA A 240 -3.81 3.07 45.91
CA ALA A 240 -4.10 3.35 47.31
C ALA A 240 -4.27 4.85 47.56
N ASN A 241 -4.92 5.18 48.68
CA ASN A 241 -4.90 6.54 49.17
C ASN A 241 -3.46 6.98 49.39
N GLN A 242 -3.10 8.14 48.86
CA GLN A 242 -1.71 8.57 48.87
C GLN A 242 -1.23 8.92 50.28
N ASP A 243 -2.05 9.67 50.99
CA ASP A 243 -1.74 10.06 52.36
C ASP A 243 -1.54 8.82 53.21
N PHE A 244 -2.40 7.82 52.99
CA PHE A 244 -2.25 6.53 53.64
C PHE A 244 -0.93 5.88 53.24
N TYR A 245 -0.71 5.68 51.94
CA TYR A 245 0.49 4.99 51.50
C TYR A 245 1.78 5.66 51.98
N GLU A 246 1.79 6.99 51.98
CA GLU A 246 2.99 7.72 52.35
C GLU A 246 3.20 7.71 53.86
N GLY A 247 2.13 7.48 54.60
CA GLY A 247 2.23 7.38 56.05
C GLY A 247 2.67 6.00 56.51
N LEU A 248 2.81 5.08 55.56
CA LEU A 248 3.27 3.73 55.84
C LEU A 248 4.77 3.68 56.11
N SER A 249 5.20 2.83 57.04
CA SER A 249 6.61 2.62 57.30
C SER A 249 7.28 2.22 55.99
N GLU A 250 8.58 2.42 55.88
CA GLU A 250 9.25 2.10 54.62
C GLU A 250 9.09 0.61 54.36
N GLU A 251 8.89 -0.16 55.42
CA GLU A 251 8.71 -1.60 55.31
C GLU A 251 7.32 -1.93 54.77
N ASP A 252 6.30 -1.24 55.27
CA ASP A 252 4.93 -1.47 54.81
C ASP A 252 4.72 -1.02 53.37
N GLN A 253 5.30 0.12 53.02
CA GLN A 253 5.29 0.56 51.65
C GLN A 253 5.89 -0.54 50.77
N GLN A 254 6.98 -1.15 51.22
CA GLN A 254 7.63 -2.22 50.47
C GLN A 254 6.73 -3.46 50.39
N LEU A 255 6.01 -3.74 51.47
CA LEU A 255 5.09 -4.88 51.51
C LEU A 255 3.99 -4.74 50.47
N VAL A 256 3.41 -3.56 50.41
CA VAL A 256 2.35 -3.25 49.45
C VAL A 256 2.87 -3.41 48.02
N GLN A 257 4.06 -2.90 47.75
CA GLN A 257 4.67 -3.02 46.43
C GLN A 257 4.92 -4.49 46.08
N ASP A 258 5.42 -5.25 47.04
CA ASP A 258 5.69 -6.66 46.84
C ASP A 258 4.39 -7.41 46.60
N ALA A 259 3.35 -7.00 47.32
CA ALA A 259 2.07 -7.69 47.21
C ALA A 259 1.42 -7.39 45.86
N ALA A 260 1.65 -6.20 45.33
CA ALA A 260 1.08 -5.81 44.05
C ALA A 260 1.80 -6.56 42.93
N ASP A 261 3.12 -6.64 43.03
CA ASP A 261 3.91 -7.45 42.11
C ASP A 261 3.40 -8.88 42.13
N ALA A 262 3.15 -9.41 43.32
CA ALA A 262 2.69 -10.78 43.41
C ALA A 262 1.33 -10.91 42.72
N ALA A 263 0.38 -10.05 43.11
CA ALA A 263 -0.94 -10.08 42.52
C ALA A 263 -0.88 -9.95 41.00
N TYR A 264 0.11 -9.23 40.51
CA TYR A 264 0.22 -8.98 39.09
C TYR A 264 0.62 -10.25 38.34
N ASP A 265 1.71 -10.88 38.78
CA ASP A 265 2.19 -12.10 38.14
C ASP A 265 1.15 -13.21 38.21
N HIS A 266 0.54 -13.38 39.38
CA HIS A 266 -0.50 -14.37 39.52
C HIS A 266 -1.66 -14.07 38.57
N THR A 267 -2.11 -12.81 38.57
CA THR A 267 -3.25 -12.44 37.75
C THR A 267 -3.00 -12.59 36.25
N ILE A 268 -1.80 -12.22 35.81
CA ILE A 268 -1.45 -12.35 34.39
C ILE A 268 -1.57 -13.81 33.96
N GLU A 269 -1.03 -14.73 34.76
CA GLU A 269 -1.06 -16.14 34.39
C GLU A 269 -2.49 -16.66 34.35
N HIS A 270 -3.31 -16.24 35.30
CA HIS A 270 -4.72 -16.65 35.34
C HIS A 270 -5.43 -16.23 34.09
N ILE A 271 -5.13 -15.01 33.64
CA ILE A 271 -5.77 -14.45 32.45
C ILE A 271 -5.38 -15.23 31.19
N LYS A 272 -4.09 -15.42 30.96
CA LYS A 272 -3.65 -16.25 29.83
C LYS A 272 -4.35 -17.61 29.87
N GLY A 273 -4.37 -18.22 31.05
CA GLY A 273 -4.90 -19.56 31.21
C GLY A 273 -6.41 -19.67 31.19
N LEU A 274 -7.09 -18.60 31.61
CA LEU A 274 -8.55 -18.55 31.57
C LEU A 274 -8.97 -18.37 30.14
N SER A 275 -8.15 -17.64 29.39
CA SER A 275 -8.39 -17.41 27.97
C SER A 275 -8.49 -18.73 27.21
N GLU A 276 -7.38 -19.47 27.15
CA GLU A 276 -7.35 -20.72 26.39
C GLU A 276 -8.41 -21.71 26.87
N GLU A 277 -8.61 -21.79 28.18
CA GLU A 277 -9.65 -22.65 28.71
C GLU A 277 -11.02 -22.25 28.17
N SER A 278 -11.22 -20.95 28.01
CA SER A 278 -12.48 -20.43 27.51
C SER A 278 -12.64 -20.67 26.02
N LEU A 279 -11.55 -20.52 25.28
CA LEU A 279 -11.58 -20.76 23.84
C LEU A 279 -11.86 -22.23 23.59
N GLU A 280 -11.21 -23.09 24.37
CA GLU A 280 -11.37 -24.53 24.24
C GLU A 280 -12.79 -24.99 24.50
N LYS A 281 -13.34 -24.62 25.66
CA LYS A 281 -14.67 -25.09 26.03
C LYS A 281 -15.78 -24.48 25.19
N ILE A 282 -15.50 -23.36 24.53
CA ILE A 282 -16.46 -22.81 23.58
C ILE A 282 -16.55 -23.75 22.38
N LYS A 283 -15.39 -24.24 21.93
CA LYS A 283 -15.35 -25.18 20.81
C LYS A 283 -15.87 -26.55 21.21
N ALA A 284 -15.81 -26.85 22.50
CA ALA A 284 -16.33 -28.09 23.04
C ALA A 284 -17.84 -28.03 23.12
N ALA A 285 -18.39 -26.82 23.14
CA ALA A 285 -19.82 -26.65 23.33
C ALA A 285 -20.56 -26.50 22.00
N SER A 286 -19.95 -25.83 21.03
CA SER A 286 -20.65 -25.47 19.80
C SER A 286 -19.87 -25.79 18.54
N ASP A 287 -20.57 -26.32 17.54
CA ASP A 287 -19.97 -26.67 16.27
C ASP A 287 -20.14 -25.55 15.23
N GLU A 288 -20.96 -24.56 15.58
CA GLU A 288 -21.22 -23.44 14.68
C GLU A 288 -20.25 -22.26 14.90
N VAL A 289 -19.51 -22.29 15.99
CA VAL A 289 -18.59 -21.20 16.31
C VAL A 289 -17.44 -21.15 15.31
N THR A 290 -17.21 -19.97 14.74
CA THR A 290 -16.06 -19.76 13.87
C THR A 290 -15.06 -18.85 14.55
N VAL A 291 -13.78 -19.02 14.21
CA VAL A 291 -12.73 -18.15 14.71
C VAL A 291 -11.96 -17.51 13.56
N THR A 292 -12.06 -16.19 13.47
CA THR A 292 -11.30 -15.44 12.48
C THR A 292 -10.20 -14.65 13.15
N ARG A 293 -8.98 -14.77 12.62
CA ARG A 293 -7.86 -13.99 13.13
C ARG A 293 -7.28 -13.16 11.99
N LEU A 294 -6.80 -11.97 12.29
CA LEU A 294 -6.37 -11.06 11.24
C LEU A 294 -4.86 -11.06 11.05
N ASN A 295 -4.43 -11.19 9.79
CA ASN A 295 -3.03 -11.04 9.43
C ASN A 295 -2.57 -9.60 9.64
N ASP A 296 -1.30 -9.33 9.37
CA ASP A 296 -0.74 -8.01 9.61
C ASP A 296 -1.42 -6.94 8.76
N GLU A 297 -1.85 -7.31 7.56
CA GLU A 297 -2.38 -6.34 6.61
C GLU A 297 -3.84 -5.97 6.85
N GLN A 298 -4.65 -6.94 7.26
CA GLN A 298 -6.03 -6.67 7.63
C GLN A 298 -6.08 -5.75 8.84
N ILE A 299 -5.24 -6.05 9.83
CA ILE A 299 -5.12 -5.21 11.00
C ILE A 299 -4.79 -3.77 10.60
N GLN A 300 -3.91 -3.62 9.61
CA GLN A 300 -3.49 -2.30 9.15
C GLN A 300 -4.65 -1.48 8.61
N ALA A 301 -5.57 -2.14 7.91
CA ALA A 301 -6.74 -1.46 7.41
C ALA A 301 -7.52 -0.85 8.57
N PHE A 302 -7.54 -1.57 9.69
CA PHE A 302 -8.27 -1.14 10.87
C PHE A 302 -7.58 0.02 11.58
N LYS A 303 -6.26 0.00 11.62
CA LYS A 303 -5.51 1.02 12.33
C LYS A 303 -5.63 2.37 11.64
N GLU A 304 -6.03 2.35 10.38
CA GLU A 304 -6.17 3.59 9.62
C GLU A 304 -7.37 4.40 10.10
N ARG A 305 -8.31 3.70 10.74
CA ARG A 305 -9.49 4.33 11.31
C ARG A 305 -9.25 4.91 12.71
N ALA A 306 -8.16 4.51 13.37
CA ALA A 306 -7.89 4.93 14.77
C ALA A 306 -7.80 6.44 15.05
N PRO A 307 -7.25 7.22 14.12
CA PRO A 307 -7.11 8.67 14.35
C PRO A 307 -8.40 9.38 14.71
N GLN A 308 -9.53 8.95 14.14
CA GLN A 308 -10.83 9.52 14.47
C GLN A 308 -11.12 9.37 15.97
N VAL A 309 -10.69 8.26 16.55
CA VAL A 309 -10.87 8.05 17.98
C VAL A 309 -9.89 8.88 18.83
N GLU A 310 -8.64 8.97 18.39
CA GLU A 310 -7.67 9.83 19.08
C GLU A 310 -8.20 11.25 19.18
N GLU A 311 -8.79 11.74 18.08
CA GLU A 311 -9.31 13.09 18.05
C GLU A 311 -10.42 13.25 19.08
N LYS A 312 -11.37 12.32 19.08
CA LYS A 312 -12.42 12.32 20.08
C LYS A 312 -11.82 12.30 21.49
N PHE A 313 -10.70 11.61 21.65
CA PHE A 313 -10.07 11.53 22.96
C PHE A 313 -9.53 12.91 23.35
N ILE A 314 -8.84 13.56 22.42
CA ILE A 314 -8.29 14.88 22.69
C ILE A 314 -9.40 15.92 22.84
N GLU A 315 -10.49 15.76 22.10
CA GLU A 315 -11.65 16.63 22.25
C GLU A 315 -12.18 16.55 23.68
N MET A 316 -11.96 15.41 24.32
CA MET A 316 -12.52 15.19 25.67
C MET A 316 -11.54 15.56 26.77
N THR A 317 -10.26 15.63 26.44
CA THR A 317 -9.21 15.72 27.46
C THR A 317 -8.18 16.83 27.22
N GLY A 318 -8.10 17.31 25.99
CA GLY A 318 -7.26 18.45 25.66
C GLY A 318 -5.77 18.27 25.86
N GLU A 319 -5.14 19.26 26.49
CA GLU A 319 -3.69 19.34 26.54
C GLU A 319 -3.05 18.24 27.39
N GLN A 320 -3.72 17.84 28.46
CA GLN A 320 -3.25 16.73 29.28
C GLN A 320 -3.34 15.45 28.46
N GLY A 321 -4.45 15.31 27.74
CA GLY A 321 -4.65 14.18 26.85
C GLY A 321 -3.57 14.17 25.78
N GLN A 322 -3.23 15.34 25.28
CA GLN A 322 -2.18 15.46 24.28
C GLN A 322 -0.87 14.98 24.86
N GLU A 323 -0.58 15.43 26.09
CA GLU A 323 0.63 15.03 26.80
C GLU A 323 0.69 13.51 26.87
N LEU A 324 -0.34 12.91 27.47
CA LEU A 324 -0.40 11.47 27.65
C LEU A 324 -0.32 10.71 26.33
N LEU A 325 -1.17 11.09 25.37
CA LEU A 325 -1.24 10.39 24.09
C LEU A 325 0.10 10.38 23.37
N ASP A 326 0.83 11.48 23.49
CA ASP A 326 2.16 11.59 22.88
C ASP A 326 3.14 10.57 23.46
N GLN A 327 3.19 10.45 24.77
CA GLN A 327 4.05 9.45 25.39
C GLN A 327 3.67 8.07 24.89
N PHE A 328 2.37 7.79 24.85
CA PHE A 328 1.89 6.49 24.40
C PHE A 328 2.34 6.16 22.98
N LYS A 329 2.39 7.18 22.12
CA LYS A 329 2.83 6.96 20.76
C LYS A 329 4.33 6.73 20.71
N ALA A 330 5.06 7.47 21.52
CA ALA A 330 6.50 7.26 21.67
C ALA A 330 6.78 5.83 22.15
N ASP A 331 6.05 5.39 23.16
CA ASP A 331 6.25 4.08 23.77
C ASP A 331 5.97 2.94 22.79
N LEU A 332 4.97 3.10 21.94
CA LEU A 332 4.63 2.06 20.99
C LEU A 332 5.73 1.85 19.95
N LYS A 333 6.45 2.93 19.63
CA LYS A 333 7.62 2.84 18.76
C LYS A 333 8.78 2.14 19.46
N ASP B 26 -30.25 0.36 4.58
CA ASP B 26 -29.60 -0.89 4.93
C ASP B 26 -29.61 -1.86 3.75
N ASN B 27 -30.79 -2.12 3.20
CA ASN B 27 -30.91 -2.86 1.94
C ASN B 27 -30.98 -1.90 0.76
N TRP B 28 -30.18 -2.16 -0.27
CA TRP B 28 -30.24 -1.37 -1.49
C TRP B 28 -31.35 -1.85 -2.42
N ARG B 29 -32.14 -0.92 -2.91
CA ARG B 29 -33.26 -1.26 -3.77
C ARG B 29 -32.97 -0.92 -5.24
N TYR B 30 -33.22 -1.89 -6.11
CA TYR B 30 -32.78 -1.82 -7.50
C TYR B 30 -33.94 -2.23 -8.40
N ALA B 31 -34.37 -1.32 -9.28
CA ALA B 31 -35.48 -1.62 -10.19
C ALA B 31 -35.05 -1.55 -11.65
N HIS B 32 -35.64 -2.41 -12.48
CA HIS B 32 -35.44 -2.37 -13.93
C HIS B 32 -36.75 -2.51 -14.69
N GLU B 33 -36.68 -2.35 -16.01
CA GLU B 33 -37.86 -2.22 -16.85
C GLU B 33 -38.50 -3.53 -17.27
N GLU B 34 -37.80 -4.63 -17.09
CA GLU B 34 -38.20 -5.87 -17.77
C GLU B 34 -38.62 -7.02 -16.85
N TYR B 35 -38.85 -8.18 -17.45
CA TYR B 35 -39.34 -9.34 -16.73
C TYR B 35 -38.21 -10.28 -16.30
N GLU B 36 -38.55 -11.27 -15.49
CA GLU B 36 -37.56 -12.27 -15.10
C GLU B 36 -36.92 -12.91 -16.33
N GLY B 37 -35.60 -13.01 -16.31
CA GLY B 37 -34.88 -13.70 -17.36
C GLY B 37 -34.49 -12.80 -18.51
N ASP B 38 -35.06 -11.59 -18.53
CA ASP B 38 -34.75 -10.61 -19.56
C ASP B 38 -33.33 -10.10 -19.40
N VAL B 39 -32.80 -9.49 -20.46
CA VAL B 39 -31.43 -8.98 -20.46
C VAL B 39 -31.12 -8.05 -19.29
N GLN B 40 -32.03 -7.15 -18.97
CA GLN B 40 -31.81 -6.24 -17.85
C GLN B 40 -31.84 -7.00 -16.53
N ASP B 41 -32.73 -7.98 -16.43
CA ASP B 41 -32.77 -8.81 -15.24
C ASP B 41 -31.46 -9.57 -15.08
N VAL B 42 -30.91 -10.06 -16.19
CA VAL B 42 -29.61 -10.76 -16.14
C VAL B 42 -28.54 -9.82 -15.57
N PHE B 43 -28.44 -8.63 -16.12
CA PHE B 43 -27.51 -7.62 -15.61
C PHE B 43 -27.72 -7.44 -14.13
N ALA B 44 -28.97 -7.14 -13.74
CA ALA B 44 -29.33 -6.90 -12.36
C ALA B 44 -28.96 -8.04 -11.42
N GLN B 45 -29.28 -9.27 -11.82
CA GLN B 45 -29.04 -10.42 -10.95
C GLN B 45 -27.55 -10.61 -10.76
N ALA B 46 -26.77 -10.31 -11.79
CA ALA B 46 -25.32 -10.41 -11.69
C ALA B 46 -24.78 -9.31 -10.77
N PHE B 47 -25.28 -8.09 -10.95
CA PHE B 47 -24.95 -6.97 -10.07
C PHE B 47 -25.24 -7.29 -8.61
N LYS B 48 -26.44 -7.78 -8.36
CA LYS B 48 -26.86 -8.20 -7.03
C LYS B 48 -25.95 -9.31 -6.48
N GLY B 49 -25.68 -10.31 -7.33
CA GLY B 49 -24.84 -11.42 -6.95
C GLY B 49 -23.45 -11.00 -6.48
N TYR B 50 -22.85 -10.05 -7.19
CA TYR B 50 -21.52 -9.59 -6.87
C TYR B 50 -21.54 -8.81 -5.56
N VAL B 51 -22.49 -7.91 -5.40
CA VAL B 51 -22.58 -7.13 -4.17
C VAL B 51 -22.73 -8.04 -2.95
N GLU B 52 -23.62 -9.01 -3.05
CA GLU B 52 -23.90 -9.87 -1.91
C GLU B 52 -22.80 -10.92 -1.67
N ASP B 53 -22.05 -11.24 -2.73
CA ASP B 53 -20.93 -12.17 -2.60
C ASP B 53 -19.68 -11.52 -2.01
N ASN B 54 -19.61 -10.18 -2.08
CA ASN B 54 -18.40 -9.48 -1.68
C ASN B 54 -18.61 -8.49 -0.55
N SER B 55 -19.75 -8.59 0.11
CA SER B 55 -20.07 -7.71 1.22
C SER B 55 -21.31 -8.22 1.93
N ASP B 56 -21.73 -7.50 2.97
CA ASP B 56 -22.87 -7.91 3.76
C ASP B 56 -24.13 -7.14 3.33
N HIS B 57 -24.00 -6.37 2.26
CA HIS B 57 -25.15 -5.66 1.70
C HIS B 57 -26.03 -6.59 0.89
N THR B 58 -27.32 -6.26 0.81
CA THR B 58 -28.23 -7.01 -0.05
C THR B 58 -28.87 -6.09 -1.09
N VAL B 59 -29.06 -6.62 -2.29
CA VAL B 59 -29.68 -5.83 -3.35
C VAL B 59 -31.05 -6.38 -3.69
N GLN B 60 -32.07 -5.58 -3.43
CA GLN B 60 -33.45 -5.93 -3.72
C GLN B 60 -33.80 -5.52 -5.15
N VAL B 61 -34.01 -6.50 -6.02
CA VAL B 61 -34.26 -6.25 -7.43
C VAL B 61 -35.74 -6.35 -7.80
N TYR B 62 -36.33 -5.23 -8.18
CA TYR B 62 -37.72 -5.18 -8.62
C TYR B 62 -37.81 -5.26 -10.15
N ARG B 63 -38.51 -6.27 -10.64
CA ARG B 63 -38.75 -6.41 -12.06
C ARG B 63 -39.85 -5.45 -12.51
N PHE B 64 -40.23 -5.55 -13.77
CA PHE B 64 -41.22 -4.66 -14.35
C PHE B 64 -42.49 -4.55 -13.49
N GLY B 65 -42.80 -3.32 -13.11
CA GLY B 65 -44.05 -3.00 -12.44
C GLY B 65 -44.23 -3.58 -11.05
N GLU B 66 -43.21 -4.29 -10.56
CA GLU B 66 -43.26 -4.86 -9.21
C GLU B 66 -43.27 -3.77 -8.14
N LEU B 67 -42.98 -2.53 -8.54
CA LEU B 67 -42.96 -1.40 -7.61
C LEU B 67 -43.31 -0.10 -8.33
N ASP B 72 -41.96 6.16 -13.90
CA ASP B 72 -42.06 6.47 -12.47
C ASP B 72 -40.82 6.08 -11.68
N ILE B 73 -40.18 4.97 -12.06
CA ILE B 73 -39.03 4.47 -11.31
C ILE B 73 -37.86 5.45 -11.37
N MET B 74 -37.80 6.22 -12.46
CA MET B 74 -36.74 7.21 -12.64
C MET B 74 -36.77 8.27 -11.55
N GLU B 75 -37.90 8.96 -11.43
CA GLU B 75 -38.04 9.99 -10.41
C GLU B 75 -37.92 9.39 -9.02
N GLN B 76 -38.37 8.15 -8.86
CA GLN B 76 -38.26 7.45 -7.58
C GLN B 76 -36.80 7.20 -7.22
N THR B 77 -35.93 7.17 -8.22
CA THR B 77 -34.51 7.03 -7.97
C THR B 77 -33.89 8.37 -7.64
N GLN B 78 -34.18 9.38 -8.45
CA GLN B 78 -33.69 10.73 -8.21
C GLN B 78 -34.03 11.22 -6.80
N ASN B 79 -35.21 10.85 -6.32
CA ASN B 79 -35.68 11.29 -5.00
C ASN B 79 -35.19 10.42 -3.84
N GLY B 80 -34.24 9.53 -4.13
CA GLY B 80 -33.57 8.75 -3.11
C GLY B 80 -34.28 7.49 -2.66
N ILE B 81 -35.56 7.34 -3.01
CA ILE B 81 -36.32 6.16 -2.59
C ILE B 81 -35.70 4.87 -3.15
N LEU B 82 -35.37 4.89 -4.44
CA LEU B 82 -34.60 3.81 -5.04
C LEU B 82 -33.12 4.18 -5.01
N GLN B 83 -32.26 3.21 -4.73
CA GLN B 83 -30.83 3.44 -4.78
C GLN B 83 -30.29 3.23 -6.19
N PHE B 84 -30.82 2.22 -6.87
CA PHE B 84 -30.37 1.86 -8.22
C PHE B 84 -31.55 1.71 -9.17
N VAL B 85 -31.32 2.09 -10.42
CA VAL B 85 -32.32 1.95 -11.46
C VAL B 85 -31.68 1.70 -12.83
N ASN B 86 -32.28 0.78 -13.57
CA ASN B 86 -31.89 0.58 -14.96
C ASN B 86 -32.96 1.18 -15.87
N GLN B 87 -32.59 2.26 -16.55
CA GLN B 87 -33.51 2.93 -17.46
C GLN B 87 -32.83 3.26 -18.78
N SER B 88 -33.39 2.74 -19.87
CA SER B 88 -32.83 2.95 -21.19
C SER B 88 -32.83 4.44 -21.57
N PRO B 89 -31.68 4.94 -22.01
CA PRO B 89 -31.51 6.36 -22.37
C PRO B 89 -32.57 6.82 -23.38
N GLY B 90 -33.04 5.91 -24.22
CA GLY B 90 -34.10 6.22 -25.15
C GLY B 90 -35.38 6.64 -24.45
N PHE B 91 -35.71 5.95 -23.37
CA PHE B 91 -36.95 6.21 -22.65
C PHE B 91 -36.74 7.26 -21.57
N THR B 92 -35.68 8.04 -21.70
CA THR B 92 -35.33 9.04 -20.71
C THR B 92 -35.33 10.43 -21.34
N GLY B 93 -36.01 10.56 -22.48
CA GLY B 93 -36.06 11.81 -23.21
C GLY B 93 -36.64 12.94 -22.36
N SER B 94 -37.64 12.61 -21.55
CA SER B 94 -38.28 13.58 -20.67
C SER B 94 -37.27 14.35 -19.82
N LEU B 95 -36.50 13.64 -19.01
CA LEU B 95 -35.57 14.23 -18.05
C LEU B 95 -34.20 14.55 -18.67
N ILE B 96 -33.76 13.70 -19.60
CA ILE B 96 -32.53 13.98 -20.35
C ILE B 96 -32.75 13.73 -21.85
N PRO B 97 -33.23 14.74 -22.57
CA PRO B 97 -33.54 14.65 -24.01
C PRO B 97 -32.45 13.98 -24.83
N SER B 98 -31.20 14.42 -24.71
CA SER B 98 -30.15 13.94 -25.60
C SER B 98 -29.73 12.48 -25.38
N ALA B 99 -30.33 11.82 -24.41
CA ALA B 99 -30.01 10.43 -24.13
C ALA B 99 -30.67 9.54 -25.17
N GLN B 100 -31.51 10.15 -26.01
CA GLN B 100 -32.21 9.43 -27.06
C GLN B 100 -31.30 9.22 -28.26
N ILE B 101 -30.12 9.81 -28.21
CA ILE B 101 -29.21 9.77 -29.35
C ILE B 101 -29.04 8.37 -29.92
N PHE B 102 -29.18 7.35 -29.08
CA PHE B 102 -28.97 5.96 -29.50
C PHE B 102 -30.01 5.47 -30.53
N PHE B 103 -31.10 6.21 -30.69
CA PHE B 103 -32.12 5.86 -31.68
C PHE B 103 -31.82 6.39 -33.09
N ILE B 104 -30.65 7.01 -33.26
CA ILE B 104 -30.19 7.46 -34.56
C ILE B 104 -29.50 6.31 -35.27
N PRO B 105 -29.95 6.00 -36.50
CA PRO B 105 -29.43 4.90 -37.32
C PRO B 105 -27.93 5.06 -37.60
N TYR B 106 -27.16 4.00 -37.39
CA TYR B 106 -25.73 4.00 -37.71
C TYR B 106 -24.94 4.99 -36.85
N LEU B 107 -25.51 5.37 -35.72
CA LEU B 107 -24.77 6.14 -34.74
C LEU B 107 -23.53 5.36 -34.30
N MET B 108 -23.69 4.05 -34.15
CA MET B 108 -22.62 3.20 -33.61
C MET B 108 -22.11 2.22 -34.65
N PRO B 109 -20.97 1.57 -34.37
CA PRO B 109 -20.41 0.58 -35.29
C PRO B 109 -21.45 -0.45 -35.73
N THR B 110 -21.14 -1.16 -36.81
CA THR B 110 -22.11 -2.04 -37.42
C THR B 110 -22.00 -3.49 -36.94
N ASP B 111 -20.82 -3.88 -36.48
CA ASP B 111 -20.59 -5.27 -36.06
C ASP B 111 -20.40 -5.42 -34.55
N MET B 112 -20.86 -6.56 -34.02
CA MET B 112 -20.83 -6.85 -32.59
C MET B 112 -19.51 -6.49 -31.90
N ASP B 113 -18.39 -6.89 -32.52
CA ASP B 113 -17.07 -6.66 -31.93
C ASP B 113 -16.74 -5.17 -31.77
N THR B 114 -16.91 -4.41 -32.85
CA THR B 114 -16.55 -3.01 -32.84
C THR B 114 -17.53 -2.20 -32.02
N VAL B 115 -18.74 -2.72 -31.86
CA VAL B 115 -19.73 -2.09 -31.00
C VAL B 115 -19.28 -2.19 -29.54
N LEU B 116 -18.80 -3.38 -29.17
CA LEU B 116 -18.30 -3.60 -27.81
C LEU B 116 -17.06 -2.74 -27.55
N GLU B 117 -16.18 -2.67 -28.55
CA GLU B 117 -15.03 -1.79 -28.47
C GLU B 117 -15.50 -0.36 -28.25
N PHE B 118 -16.58 0.00 -28.92
CA PHE B 118 -17.11 1.36 -28.87
C PHE B 118 -17.62 1.69 -27.47
N PHE B 119 -18.38 0.79 -26.89
CA PHE B 119 -18.91 1.00 -25.55
C PHE B 119 -17.78 1.10 -24.53
N ASP B 120 -16.66 0.45 -24.83
CA ASP B 120 -15.52 0.48 -23.92
C ASP B 120 -14.73 1.78 -24.01
N GLU B 121 -14.70 2.37 -25.20
CA GLU B 121 -13.77 3.46 -25.48
C GLU B 121 -14.41 4.83 -25.68
N SER B 122 -15.60 4.87 -26.27
CA SER B 122 -16.25 6.13 -26.59
C SER B 122 -16.18 7.14 -25.47
N LYS B 123 -15.74 8.35 -25.81
CA LYS B 123 -15.68 9.43 -24.85
C LYS B 123 -17.08 10.00 -24.56
N ALA B 124 -17.97 9.91 -25.55
CA ALA B 124 -19.34 10.36 -25.30
C ALA B 124 -19.98 9.46 -24.25
N ILE B 125 -19.68 8.17 -24.34
CA ILE B 125 -20.26 7.20 -23.42
C ILE B 125 -19.56 7.19 -22.06
N ASN B 126 -18.24 7.32 -22.06
CA ASN B 126 -17.45 7.16 -20.84
C ASN B 126 -17.06 8.45 -20.14
N GLU B 127 -17.43 9.58 -20.74
CA GLU B 127 -17.06 10.89 -20.19
C GLU B 127 -18.23 11.88 -20.23
N MET B 128 -18.75 12.15 -21.42
CA MET B 128 -19.83 13.12 -21.56
C MET B 128 -21.13 12.69 -20.89
N PHE B 129 -21.57 11.47 -21.17
CA PHE B 129 -22.81 10.97 -20.60
C PHE B 129 -22.81 10.99 -19.07
N PRO B 130 -21.72 10.51 -18.45
CA PRO B 130 -21.73 10.58 -16.98
C PRO B 130 -21.85 12.02 -16.46
N LYS B 131 -21.27 12.99 -17.17
CA LYS B 131 -21.45 14.39 -16.76
C LYS B 131 -22.91 14.80 -16.87
N LEU B 132 -23.49 14.51 -18.03
CA LEU B 132 -24.88 14.83 -18.30
C LEU B 132 -25.85 14.26 -17.27
N TYR B 133 -25.62 13.03 -16.84
CA TYR B 133 -26.51 12.37 -15.90
C TYR B 133 -26.37 12.94 -14.50
N ALA B 134 -25.15 13.33 -14.15
CA ALA B 134 -24.89 13.78 -12.78
C ALA B 134 -25.57 15.11 -12.53
N GLU B 135 -25.73 15.89 -13.60
CA GLU B 135 -26.38 17.19 -13.52
C GLU B 135 -27.88 17.06 -13.33
N HIS B 136 -28.33 15.81 -13.24
CA HIS B 136 -29.73 15.51 -12.97
C HIS B 136 -29.84 14.60 -11.74
N GLY B 137 -28.81 14.61 -10.91
CA GLY B 137 -28.84 13.91 -9.64
C GLY B 137 -28.60 12.41 -9.72
N LEU B 138 -27.99 11.96 -10.82
CA LEU B 138 -27.73 10.54 -11.02
C LEU B 138 -26.25 10.24 -11.26
N GLU B 139 -25.74 9.21 -10.59
CA GLU B 139 -24.41 8.69 -10.88
C GLU B 139 -24.51 7.54 -11.88
N LEU B 140 -24.06 7.80 -13.11
CA LEU B 140 -24.13 6.85 -14.21
C LEU B 140 -23.07 5.76 -14.07
N LEU B 141 -23.51 4.52 -13.83
CA LEU B 141 -22.59 3.42 -13.56
C LEU B 141 -22.22 2.60 -14.80
N LYS B 142 -23.20 2.34 -15.66
CA LYS B 142 -22.91 1.51 -16.80
C LYS B 142 -23.86 1.77 -17.95
N MET B 143 -23.32 1.87 -19.16
CA MET B 143 -24.12 1.83 -20.38
C MET B 143 -23.78 0.59 -21.20
N TYR B 144 -24.81 -0.09 -21.71
CA TYR B 144 -24.59 -1.35 -22.42
C TYR B 144 -25.68 -1.68 -23.43
N PRO B 145 -25.30 -2.37 -24.52
CA PRO B 145 -26.21 -2.84 -25.57
C PRO B 145 -26.98 -4.06 -25.11
N GLU B 146 -28.28 -4.08 -25.28
CA GLU B 146 -29.08 -5.26 -24.95
C GLU B 146 -29.16 -6.20 -26.15
N GLY B 147 -28.96 -5.68 -27.36
CA GLY B 147 -29.08 -6.51 -28.54
C GLY B 147 -29.18 -5.77 -29.87
N GLU B 148 -28.83 -6.49 -30.92
CA GLU B 148 -28.89 -5.94 -32.26
C GLU B 148 -30.35 -5.84 -32.70
N MET B 149 -30.70 -4.72 -33.32
CA MET B 149 -32.02 -4.57 -33.92
C MET B 149 -32.06 -5.38 -35.20
N VAL B 150 -33.02 -6.28 -35.31
CA VAL B 150 -33.18 -7.08 -36.51
C VAL B 150 -34.54 -6.80 -37.13
N VAL B 151 -34.56 -6.62 -38.45
CA VAL B 151 -35.81 -6.44 -39.15
C VAL B 151 -36.30 -7.74 -39.80
N THR B 152 -37.59 -8.01 -39.65
CA THR B 152 -38.21 -9.05 -40.46
C THR B 152 -39.29 -8.41 -41.30
N ALA B 153 -39.41 -8.87 -42.53
CA ALA B 153 -40.42 -8.36 -43.46
C ALA B 153 -40.91 -9.46 -44.39
N ASP B 154 -41.94 -9.15 -45.16
CA ASP B 154 -42.47 -10.09 -46.15
C ASP B 154 -41.50 -10.33 -47.31
N GLU B 155 -40.44 -9.53 -47.37
CA GLU B 155 -39.38 -9.70 -48.38
C GLU B 155 -38.03 -9.22 -47.84
N PRO B 156 -36.92 -9.75 -48.37
CA PRO B 156 -35.61 -9.35 -47.88
C PRO B 156 -35.31 -7.88 -48.18
N ILE B 157 -34.91 -7.14 -47.16
CA ILE B 157 -34.54 -5.75 -47.33
C ILE B 157 -33.09 -5.68 -47.79
N THR B 158 -32.86 -5.03 -48.92
CA THR B 158 -31.51 -4.89 -49.46
C THR B 158 -31.15 -3.43 -49.73
N SER B 159 -32.18 -2.58 -49.80
CA SER B 159 -31.99 -1.16 -50.04
C SER B 159 -33.13 -0.40 -49.37
N PRO B 160 -32.93 0.91 -49.16
CA PRO B 160 -33.98 1.75 -48.56
C PRO B 160 -35.26 1.67 -49.37
N GLU B 161 -35.12 1.57 -50.69
CA GLU B 161 -36.27 1.49 -51.58
C GLU B 161 -37.22 0.37 -51.14
N ASP B 162 -36.65 -0.66 -50.54
CA ASP B 162 -37.41 -1.84 -50.12
C ASP B 162 -38.40 -1.57 -48.98
N PHE B 163 -38.15 -0.50 -48.23
CA PHE B 163 -39.08 -0.09 -47.18
C PHE B 163 -40.20 0.82 -47.71
N ASP B 164 -39.97 1.44 -48.87
CA ASP B 164 -40.92 2.39 -49.43
C ASP B 164 -42.33 1.82 -49.48
N ASN B 165 -43.28 2.63 -49.01
CA ASN B 165 -44.70 2.26 -48.97
C ASN B 165 -45.04 1.14 -48.00
N LYS B 166 -44.04 0.67 -47.25
CA LYS B 166 -44.28 -0.35 -46.23
C LYS B 166 -44.74 0.23 -44.91
N LYS B 167 -45.56 -0.53 -44.20
CA LYS B 167 -45.91 -0.19 -42.83
C LYS B 167 -45.01 -1.01 -41.92
N ILE B 168 -44.10 -0.33 -41.23
CA ILE B 168 -43.18 -1.01 -40.32
C ILE B 168 -43.52 -0.62 -38.89
N ARG B 169 -43.53 -1.64 -38.02
CA ARG B 169 -43.84 -1.46 -36.60
C ARG B 169 -42.57 -1.34 -35.76
N THR B 170 -42.42 -0.22 -35.07
CA THR B 170 -41.26 -0.04 -34.21
C THR B 170 -41.70 0.39 -32.82
N MET B 171 -40.72 0.62 -31.95
CA MET B 171 -40.97 1.20 -30.64
C MET B 171 -41.41 2.64 -30.80
N THR B 172 -42.08 3.17 -29.78
CA THR B 172 -42.64 4.51 -29.85
C THR B 172 -41.63 5.59 -29.45
N ASN B 173 -41.08 6.25 -30.45
CA ASN B 173 -40.15 7.37 -30.23
C ASN B 173 -39.94 8.13 -31.54
N PRO B 174 -39.97 9.48 -31.48
CA PRO B 174 -39.89 10.34 -32.66
C PRO B 174 -38.74 9.98 -33.57
N LEU B 175 -37.60 9.62 -32.99
CA LEU B 175 -36.41 9.30 -33.78
C LEU B 175 -36.57 7.96 -34.45
N LEU B 176 -37.38 7.09 -33.88
CA LEU B 176 -37.60 5.78 -34.48
C LEU B 176 -38.58 5.89 -35.62
N ALA B 177 -39.62 6.71 -35.42
CA ALA B 177 -40.57 6.97 -36.49
C ALA B 177 -39.85 7.65 -37.65
N GLU B 178 -38.96 8.59 -37.35
CA GLU B 178 -38.31 9.36 -38.39
C GLU B 178 -37.36 8.48 -39.19
N THR B 179 -36.75 7.52 -38.52
CA THR B 179 -35.85 6.58 -39.17
C THR B 179 -36.53 5.86 -40.34
N TYR B 180 -37.74 5.39 -40.10
CA TYR B 180 -38.47 4.67 -41.14
C TYR B 180 -39.24 5.60 -42.09
N LYS B 181 -39.55 6.80 -41.63
CA LYS B 181 -40.13 7.81 -42.50
C LYS B 181 -39.09 8.16 -43.56
N ALA B 182 -37.83 8.11 -43.17
CA ALA B 182 -36.74 8.42 -44.06
C ALA B 182 -36.52 7.31 -45.08
N PHE B 183 -37.18 6.18 -44.86
CA PHE B 183 -37.14 5.07 -45.82
C PHE B 183 -38.40 5.05 -46.68
N GLY B 184 -39.24 6.05 -46.51
CA GLY B 184 -40.52 6.09 -47.20
C GLY B 184 -41.56 5.19 -46.56
N ALA B 185 -41.16 4.49 -45.49
CA ALA B 185 -42.06 3.63 -44.75
C ALA B 185 -43.01 4.42 -43.86
N THR B 186 -44.07 3.76 -43.39
CA THR B 186 -45.06 4.37 -42.52
C THR B 186 -45.00 3.77 -41.13
N PRO B 187 -44.46 4.53 -40.16
CA PRO B 187 -44.35 4.06 -38.76
C PRO B 187 -45.72 3.64 -38.23
N THR B 188 -45.82 2.41 -37.76
CA THR B 188 -47.10 1.83 -37.35
C THR B 188 -46.99 1.13 -35.99
N PRO B 189 -47.60 1.71 -34.95
CA PRO B 189 -47.55 1.18 -33.58
C PRO B 189 -48.48 -0.02 -33.40
N LEU B 190 -48.05 -1.00 -32.59
CA LEU B 190 -48.89 -2.15 -32.26
C LEU B 190 -48.51 -2.76 -30.91
N PRO B 191 -49.51 -3.10 -30.09
CA PRO B 191 -49.20 -3.83 -28.87
C PRO B 191 -48.50 -5.12 -29.26
N TRP B 192 -47.49 -5.51 -28.48
CA TRP B 192 -46.68 -6.69 -28.79
C TRP B 192 -47.55 -7.90 -29.12
N GLY B 193 -48.61 -8.10 -28.34
CA GLY B 193 -49.50 -9.23 -28.53
C GLY B 193 -50.27 -9.29 -29.83
N GLU B 194 -50.34 -8.17 -30.55
CA GLU B 194 -51.09 -8.12 -31.82
C GLU B 194 -50.15 -8.16 -33.02
N VAL B 195 -48.85 -8.19 -32.75
CA VAL B 195 -47.86 -8.13 -33.81
C VAL B 195 -47.93 -9.34 -34.74
N TYR B 196 -47.87 -10.54 -34.15
CA TYR B 196 -47.91 -11.79 -34.93
C TYR B 196 -49.09 -11.78 -35.90
N GLY B 197 -50.28 -11.49 -35.39
CA GLY B 197 -51.47 -11.35 -36.22
C GLY B 197 -51.34 -10.22 -37.23
N GLY B 198 -50.71 -9.13 -36.80
CA GLY B 198 -50.48 -7.98 -37.65
C GLY B 198 -49.66 -8.30 -38.89
N LEU B 199 -48.57 -9.05 -38.70
CA LEU B 199 -47.73 -9.49 -39.82
C LEU B 199 -48.54 -10.41 -40.73
N GLN B 200 -49.36 -11.24 -40.10
CA GLN B 200 -50.12 -12.26 -40.81
C GLN B 200 -51.22 -11.66 -41.67
N THR B 201 -52.00 -10.75 -41.08
CA THR B 201 -53.11 -10.14 -41.80
C THR B 201 -52.61 -9.12 -42.82
N GLY B 202 -51.43 -8.56 -42.57
CA GLY B 202 -50.90 -7.53 -43.45
C GLY B 202 -51.18 -6.13 -42.96
N ILE B 203 -51.62 -6.01 -41.71
CA ILE B 203 -51.74 -4.70 -41.06
C ILE B 203 -50.38 -4.01 -41.11
N ILE B 204 -49.34 -4.76 -40.75
CA ILE B 204 -47.96 -4.30 -40.87
C ILE B 204 -47.20 -5.19 -41.85
N ASP B 205 -46.28 -4.60 -42.59
CA ASP B 205 -45.45 -5.34 -43.53
C ASP B 205 -44.25 -5.99 -42.84
N GLY B 206 -43.72 -5.30 -41.83
CA GLY B 206 -42.54 -5.77 -41.13
C GLY B 206 -42.41 -5.25 -39.71
N GLN B 207 -41.33 -5.64 -39.06
CA GLN B 207 -41.06 -5.20 -37.70
C GLN B 207 -39.58 -5.33 -37.40
N GLU B 208 -39.13 -4.60 -36.38
CA GLU B 208 -37.76 -4.75 -35.92
C GLU B 208 -37.76 -5.09 -34.43
N ASN B 209 -36.94 -6.06 -34.06
CA ASN B 209 -36.80 -6.46 -32.67
C ASN B 209 -35.48 -7.19 -32.52
N PRO B 210 -35.07 -7.44 -31.26
CA PRO B 210 -33.89 -8.29 -31.06
C PRO B 210 -34.20 -9.68 -31.57
N ILE B 211 -33.17 -10.40 -32.04
CA ILE B 211 -33.36 -11.76 -32.54
C ILE B 211 -34.10 -12.64 -31.55
N PHE B 212 -33.84 -12.44 -30.25
CA PHE B 212 -34.45 -13.31 -29.25
C PHE B 212 -35.97 -13.12 -29.12
N TRP B 213 -36.46 -11.93 -29.41
CA TRP B 213 -37.90 -11.69 -29.40
C TRP B 213 -38.57 -12.19 -30.67
N ILE B 214 -37.87 -12.05 -31.78
CA ILE B 214 -38.32 -12.58 -33.08
C ILE B 214 -38.50 -14.10 -33.01
N GLU B 215 -37.48 -14.79 -32.51
CA GLU B 215 -37.56 -16.23 -32.33
C GLU B 215 -38.61 -16.57 -31.28
N SER B 216 -38.49 -15.96 -30.10
CA SER B 216 -39.38 -16.22 -28.96
C SER B 216 -40.85 -16.01 -29.30
N GLY B 217 -41.15 -15.01 -30.13
CA GLY B 217 -42.52 -14.70 -30.49
C GLY B 217 -42.99 -15.34 -31.79
N GLY B 218 -42.21 -16.26 -32.34
CA GLY B 218 -42.57 -16.96 -33.57
C GLY B 218 -42.83 -16.05 -34.76
N LEU B 219 -42.23 -14.86 -34.76
CA LEU B 219 -42.47 -13.90 -35.82
C LEU B 219 -42.01 -14.42 -37.19
N TYR B 220 -40.88 -15.12 -37.21
CA TYR B 220 -40.32 -15.68 -38.44
C TYR B 220 -41.31 -16.54 -39.19
N GLU B 221 -42.30 -17.08 -38.48
CA GLU B 221 -43.31 -17.95 -39.08
C GLU B 221 -44.27 -17.19 -40.01
N VAL B 222 -44.49 -15.91 -39.72
CA VAL B 222 -45.35 -15.08 -40.56
C VAL B 222 -44.58 -13.89 -41.15
N SER B 223 -43.29 -13.84 -40.86
CA SER B 223 -42.45 -12.76 -41.35
C SER B 223 -41.05 -13.31 -41.59
N PRO B 224 -40.92 -14.23 -42.57
CA PRO B 224 -39.82 -15.18 -42.74
C PRO B 224 -38.46 -14.60 -43.16
N ASN B 225 -38.46 -13.38 -43.69
CA ASN B 225 -37.23 -12.75 -44.16
C ASN B 225 -36.62 -11.81 -43.13
N LEU B 226 -35.45 -12.17 -42.62
CA LEU B 226 -34.73 -11.37 -41.63
C LEU B 226 -33.57 -10.64 -42.30
N THR B 227 -33.41 -9.37 -41.96
CA THR B 227 -32.29 -8.58 -42.47
C THR B 227 -31.54 -7.87 -41.36
N PHE B 228 -30.23 -8.04 -41.35
CA PHE B 228 -29.35 -7.37 -40.39
C PHE B 228 -28.84 -6.08 -41.03
N THR B 229 -29.58 -5.00 -40.85
CA THR B 229 -29.20 -3.71 -41.39
C THR B 229 -28.03 -3.12 -40.60
N SER B 230 -27.85 -3.59 -39.35
CA SER B 230 -26.76 -3.15 -38.50
C SER B 230 -26.89 -1.68 -38.11
N HIS B 231 -28.13 -1.18 -38.09
CA HIS B 231 -28.37 0.25 -37.90
C HIS B 231 -28.58 0.60 -36.43
N GLY B 232 -29.10 -0.34 -35.66
CA GLY B 232 -29.43 -0.09 -34.27
C GLY B 232 -29.07 -1.20 -33.31
N TRP B 233 -28.60 -0.79 -32.14
CA TRP B 233 -28.40 -1.69 -31.02
C TRP B 233 -29.14 -1.07 -29.86
N PHE B 234 -30.18 -1.75 -29.38
CA PHE B 234 -30.91 -1.21 -28.27
C PHE B 234 -29.98 -1.05 -27.08
N THR B 235 -29.80 0.19 -26.66
CA THR B 235 -28.85 0.54 -25.59
C THR B 235 -29.63 0.89 -24.32
N THR B 236 -29.07 0.52 -23.18
CA THR B 236 -29.67 0.88 -21.92
C THR B 236 -28.60 1.36 -20.95
N ALA B 237 -29.00 1.85 -19.79
CA ALA B 237 -28.08 2.39 -18.81
C ALA B 237 -28.49 2.00 -17.39
N MET B 238 -27.49 1.85 -16.51
CA MET B 238 -27.76 1.57 -15.11
C MET B 238 -27.11 2.66 -14.26
N MET B 239 -27.86 3.17 -13.27
CA MET B 239 -27.41 4.30 -12.48
C MET B 239 -27.93 4.28 -11.03
N ALA B 240 -27.30 5.09 -10.19
CA ALA B 240 -27.69 5.25 -8.79
C ALA B 240 -28.06 6.68 -8.44
N ASN B 241 -28.96 6.85 -7.48
CA ASN B 241 -29.19 8.17 -6.89
C ASN B 241 -27.84 8.71 -6.46
N GLN B 242 -27.45 9.85 -7.01
CA GLN B 242 -26.10 10.37 -6.81
C GLN B 242 -25.81 10.74 -5.36
N ASP B 243 -26.85 11.16 -4.64
CA ASP B 243 -26.66 11.48 -3.23
C ASP B 243 -26.30 10.21 -2.49
N PHE B 244 -27.13 9.18 -2.68
CA PHE B 244 -26.84 7.86 -2.16
C PHE B 244 -25.40 7.45 -2.47
N TYR B 245 -24.99 7.66 -3.72
CA TYR B 245 -23.67 7.23 -4.16
C TYR B 245 -22.55 8.02 -3.49
N GLU B 246 -22.64 9.34 -3.55
CA GLU B 246 -21.59 10.21 -3.05
C GLU B 246 -21.31 9.97 -1.57
N GLY B 247 -22.34 9.54 -0.85
CA GLY B 247 -22.25 9.33 0.59
C GLY B 247 -21.75 7.95 1.00
N LEU B 248 -21.61 7.07 0.03
CA LEU B 248 -21.00 5.77 0.26
C LEU B 248 -19.51 5.95 0.54
N SER B 249 -18.96 5.10 1.38
CA SER B 249 -17.53 5.08 1.63
C SER B 249 -16.79 4.72 0.34
N GLU B 250 -15.50 5.02 0.29
CA GLU B 250 -14.71 4.66 -0.86
C GLU B 250 -14.81 3.16 -1.15
N GLU B 251 -14.75 2.35 -0.09
CA GLU B 251 -14.85 0.89 -0.24
C GLU B 251 -16.15 0.49 -0.92
N ASP B 252 -17.27 1.04 -0.46
CA ASP B 252 -18.56 0.73 -1.04
C ASP B 252 -18.69 1.26 -2.47
N GLN B 253 -17.97 2.35 -2.77
CA GLN B 253 -17.97 2.90 -4.12
C GLN B 253 -17.26 1.95 -5.05
N GLN B 254 -16.13 1.44 -4.60
CA GLN B 254 -15.36 0.50 -5.39
C GLN B 254 -16.19 -0.75 -5.61
N LEU B 255 -16.87 -1.19 -4.55
CA LEU B 255 -17.72 -2.36 -4.63
C LEU B 255 -18.78 -2.22 -5.72
N VAL B 256 -19.41 -1.05 -5.77
CA VAL B 256 -20.44 -0.75 -6.76
C VAL B 256 -19.86 -0.74 -8.17
N GLN B 257 -18.71 -0.09 -8.34
CA GLN B 257 -18.03 -0.06 -9.62
C GLN B 257 -17.65 -1.47 -10.08
N ASP B 258 -17.15 -2.27 -9.15
CA ASP B 258 -16.75 -3.64 -9.43
C ASP B 258 -17.96 -4.48 -9.78
N ALA B 259 -19.08 -4.25 -9.09
CA ALA B 259 -20.30 -5.01 -9.35
C ALA B 259 -20.87 -4.66 -10.71
N ALA B 260 -20.67 -3.42 -11.13
CA ALA B 260 -21.16 -2.98 -12.43
C ALA B 260 -20.34 -3.60 -13.54
N ASP B 261 -19.03 -3.64 -13.35
CA ASP B 261 -18.11 -4.29 -14.28
C ASP B 261 -18.46 -5.78 -14.41
N ALA B 262 -18.75 -6.43 -13.29
CA ALA B 262 -19.06 -7.85 -13.29
C ALA B 262 -20.37 -8.11 -14.04
N ALA B 263 -21.40 -7.34 -13.70
CA ALA B 263 -22.71 -7.47 -14.34
C ALA B 263 -22.59 -7.26 -15.85
N TYR B 264 -21.80 -6.26 -16.23
CA TYR B 264 -21.54 -5.98 -17.64
C TYR B 264 -20.99 -7.20 -18.41
N ASP B 265 -19.86 -7.75 -17.95
CA ASP B 265 -19.24 -8.90 -18.60
C ASP B 265 -20.18 -10.10 -18.65
N HIS B 266 -20.85 -10.37 -17.54
CA HIS B 266 -21.82 -11.46 -17.47
C HIS B 266 -22.92 -11.25 -18.52
N THR B 267 -23.34 -10.00 -18.71
CA THR B 267 -24.48 -9.71 -19.59
C THR B 267 -24.09 -9.72 -21.07
N ILE B 268 -22.92 -9.20 -21.38
CA ILE B 268 -22.44 -9.26 -22.76
C ILE B 268 -22.34 -10.72 -23.21
N GLU B 269 -21.78 -11.56 -22.35
CA GLU B 269 -21.66 -12.98 -22.66
C GLU B 269 -23.03 -13.62 -22.86
N HIS B 270 -23.96 -13.29 -21.98
CA HIS B 270 -25.31 -13.81 -22.09
C HIS B 270 -25.94 -13.44 -23.43
N ILE B 271 -25.75 -12.19 -23.84
CA ILE B 271 -26.36 -11.68 -25.07
C ILE B 271 -25.74 -12.28 -26.34
N LYS B 272 -24.41 -12.39 -26.36
CA LYS B 272 -23.73 -13.04 -27.47
C LYS B 272 -24.27 -14.46 -27.65
N GLY B 273 -24.37 -15.19 -26.55
CA GLY B 273 -24.85 -16.56 -26.58
C GLY B 273 -26.31 -16.65 -26.97
N LEU B 274 -27.15 -15.84 -26.34
CA LEU B 274 -28.57 -15.79 -26.67
C LEU B 274 -28.80 -15.49 -28.16
N SER B 275 -27.95 -14.65 -28.73
CA SER B 275 -28.14 -14.21 -30.10
C SER B 275 -27.77 -15.28 -31.12
N GLU B 276 -26.64 -15.96 -30.90
CA GLU B 276 -26.25 -17.04 -31.79
C GLU B 276 -27.33 -18.12 -31.76
N GLU B 277 -27.76 -18.45 -30.54
CA GLU B 277 -28.65 -19.57 -30.33
C GLU B 277 -30.03 -19.32 -30.91
N SER B 278 -30.54 -18.10 -30.74
CA SER B 278 -31.87 -17.78 -31.22
C SER B 278 -31.94 -17.85 -32.74
N LEU B 279 -30.90 -17.34 -33.39
CA LEU B 279 -30.83 -17.40 -34.85
C LEU B 279 -30.81 -18.86 -35.32
N GLU B 280 -29.96 -19.67 -34.71
CA GLU B 280 -29.87 -21.08 -35.07
C GLU B 280 -31.24 -21.75 -34.94
N LYS B 281 -31.95 -21.43 -33.86
CA LYS B 281 -33.29 -21.97 -33.61
C LYS B 281 -34.28 -21.62 -34.72
N ILE B 282 -34.14 -20.42 -35.27
CA ILE B 282 -35.03 -19.98 -36.33
C ILE B 282 -34.72 -20.71 -37.64
N LYS B 283 -33.43 -20.79 -37.98
CA LYS B 283 -33.02 -21.49 -39.19
C LYS B 283 -33.41 -22.96 -39.14
N ALA B 284 -33.30 -23.57 -37.97
CA ALA B 284 -33.61 -24.98 -37.80
C ALA B 284 -35.10 -25.25 -37.93
N ALA B 285 -35.91 -24.26 -37.56
CA ALA B 285 -37.35 -24.42 -37.48
C ALA B 285 -38.05 -24.16 -38.83
N SER B 286 -37.46 -23.30 -39.65
CA SER B 286 -38.10 -22.91 -40.90
C SER B 286 -37.21 -23.07 -42.12
N ASP B 287 -37.75 -23.71 -43.16
CA ASP B 287 -37.06 -23.83 -44.43
C ASP B 287 -37.17 -22.52 -45.21
N GLU B 288 -38.29 -21.83 -45.03
CA GLU B 288 -38.60 -20.64 -45.81
C GLU B 288 -37.89 -19.39 -45.33
N VAL B 289 -37.21 -19.48 -44.19
CA VAL B 289 -36.54 -18.32 -43.60
C VAL B 289 -35.32 -17.88 -44.40
N THR B 290 -35.24 -16.58 -44.68
CA THR B 290 -34.06 -16.02 -45.33
C THR B 290 -33.34 -15.10 -44.36
N VAL B 291 -32.01 -15.08 -44.47
CA VAL B 291 -31.18 -14.24 -43.61
C VAL B 291 -30.31 -13.34 -44.47
N THR B 292 -30.58 -12.04 -44.41
CA THR B 292 -29.86 -11.08 -45.25
C THR B 292 -28.95 -10.18 -44.42
N ARG B 293 -27.68 -10.12 -44.81
CA ARG B 293 -26.74 -9.20 -44.17
C ARG B 293 -26.20 -8.21 -45.21
N LEU B 294 -26.36 -6.92 -44.93
CA LEU B 294 -25.94 -5.91 -45.88
C LEU B 294 -24.42 -5.92 -46.05
N ASN B 295 -23.96 -5.62 -47.25
CA ASN B 295 -22.53 -5.39 -47.49
C ASN B 295 -22.23 -3.90 -47.31
N ASP B 296 -20.96 -3.53 -47.50
CA ASP B 296 -20.52 -2.14 -47.37
C ASP B 296 -21.32 -1.15 -48.22
N GLU B 297 -21.43 -1.43 -49.51
CA GLU B 297 -22.20 -0.60 -50.41
C GLU B 297 -23.64 -0.46 -49.93
N GLN B 298 -24.27 -1.58 -49.59
CA GLN B 298 -25.67 -1.59 -49.18
C GLN B 298 -25.89 -0.78 -47.89
N ILE B 299 -24.92 -0.85 -46.98
CA ILE B 299 -24.99 -0.10 -45.73
C ILE B 299 -24.80 1.40 -45.97
N GLN B 300 -23.87 1.74 -46.86
CA GLN B 300 -23.61 3.14 -47.17
C GLN B 300 -24.86 3.84 -47.70
N ALA B 301 -25.69 3.08 -48.41
CA ALA B 301 -26.93 3.63 -48.97
C ALA B 301 -27.96 3.87 -47.87
N PHE B 302 -27.98 2.98 -46.89
CA PHE B 302 -28.85 3.17 -45.74
C PHE B 302 -28.37 4.33 -44.87
N LYS B 303 -27.06 4.47 -44.74
CA LYS B 303 -26.47 5.58 -44.00
C LYS B 303 -26.76 6.95 -44.63
N GLU B 304 -27.00 6.98 -45.94
CA GLU B 304 -27.31 8.23 -46.61
C GLU B 304 -28.69 8.74 -46.21
N ARG B 305 -29.49 7.87 -45.59
CA ARG B 305 -30.84 8.25 -45.17
C ARG B 305 -30.88 8.79 -43.74
N ALA B 306 -29.72 8.80 -43.07
CA ALA B 306 -29.64 9.15 -41.65
C ALA B 306 -29.86 10.62 -41.31
N PRO B 307 -29.37 11.55 -42.16
CA PRO B 307 -29.35 12.98 -41.80
C PRO B 307 -30.68 13.46 -41.24
N GLN B 308 -31.75 13.08 -41.91
CA GLN B 308 -33.11 13.38 -41.49
C GLN B 308 -33.30 13.10 -40.00
N VAL B 309 -32.87 11.91 -39.58
CA VAL B 309 -33.00 11.50 -38.19
C VAL B 309 -32.05 12.26 -37.27
N GLU B 310 -30.85 12.52 -37.74
CA GLU B 310 -29.89 13.30 -36.97
C GLU B 310 -30.41 14.70 -36.71
N GLU B 311 -31.02 15.29 -37.73
CA GLU B 311 -31.57 16.63 -37.62
C GLU B 311 -32.69 16.63 -36.59
N LYS B 312 -33.59 15.66 -36.69
CA LYS B 312 -34.68 15.54 -35.72
C LYS B 312 -34.12 15.55 -34.29
N PHE B 313 -33.04 14.80 -34.09
CA PHE B 313 -32.39 14.73 -32.77
C PHE B 313 -31.91 16.11 -32.30
N ILE B 314 -31.31 16.89 -33.21
CA ILE B 314 -30.81 18.22 -32.86
C ILE B 314 -31.94 19.20 -32.52
N GLU B 315 -32.99 19.21 -33.33
CA GLU B 315 -34.18 20.00 -33.07
C GLU B 315 -34.71 19.74 -31.66
N MET B 316 -34.66 18.49 -31.22
CA MET B 316 -35.23 18.11 -29.93
C MET B 316 -34.31 18.41 -28.77
N THR B 317 -33.01 18.49 -29.03
CA THR B 317 -32.02 18.49 -27.95
C THR B 317 -31.16 19.75 -27.86
N GLY B 318 -31.09 20.50 -28.95
CA GLY B 318 -30.37 21.76 -28.96
C GLY B 318 -28.86 21.60 -28.81
N GLU B 319 -28.26 22.59 -28.15
CA GLU B 319 -26.81 22.70 -28.01
C GLU B 319 -26.19 21.42 -27.43
N GLN B 320 -26.76 20.91 -26.35
CA GLN B 320 -26.25 19.70 -25.72
C GLN B 320 -26.21 18.52 -26.70
N GLY B 321 -27.31 18.31 -27.43
CA GLY B 321 -27.37 17.26 -28.43
C GLY B 321 -26.33 17.45 -29.53
N GLN B 322 -26.06 18.72 -29.86
CA GLN B 322 -25.08 19.04 -30.89
C GLN B 322 -23.70 18.61 -30.40
N GLU B 323 -23.42 18.92 -29.14
CA GLU B 323 -22.17 18.56 -28.48
C GLU B 323 -22.04 17.02 -28.48
N LEU B 324 -23.05 16.35 -27.95
CA LEU B 324 -23.02 14.89 -27.82
C LEU B 324 -22.95 14.17 -29.17
N LEU B 325 -23.71 14.63 -30.16
CA LEU B 325 -23.69 14.02 -31.49
C LEU B 325 -22.32 14.14 -32.15
N ASP B 326 -21.71 15.32 -32.05
CA ASP B 326 -20.39 15.56 -32.61
C ASP B 326 -19.35 14.64 -32.00
N GLN B 327 -19.36 14.51 -30.67
CA GLN B 327 -18.41 13.62 -29.99
C GLN B 327 -18.62 12.18 -30.44
N PHE B 328 -19.88 11.77 -30.56
CA PHE B 328 -20.22 10.44 -31.10
C PHE B 328 -19.67 10.20 -32.49
N LYS B 329 -19.74 11.21 -33.34
CA LYS B 329 -19.21 11.08 -34.69
C LYS B 329 -17.67 10.92 -34.62
N ALA B 330 -17.04 11.67 -33.72
CA ALA B 330 -15.60 11.56 -33.50
C ALA B 330 -15.26 10.18 -32.95
N ASP B 331 -16.00 9.75 -31.94
CA ASP B 331 -15.84 8.44 -31.33
C ASP B 331 -15.93 7.31 -32.36
N LEU B 332 -16.96 7.33 -33.20
CA LEU B 332 -17.11 6.27 -34.20
C LEU B 332 -15.96 6.29 -35.20
N LYS B 333 -15.60 7.49 -35.65
CA LYS B 333 -14.55 7.63 -36.65
C LYS B 333 -13.22 7.09 -36.13
N ALA B 334 -13.06 7.14 -34.79
CA ALA B 334 -11.84 6.64 -34.15
C ALA B 334 -11.87 5.13 -33.93
N VAL B 335 -13.07 4.58 -33.90
CA VAL B 335 -13.28 3.16 -33.63
C VAL B 335 -13.43 2.33 -34.92
N GLN B 336 -13.82 2.99 -36.00
CA GLN B 336 -13.95 2.34 -37.30
C GLN B 336 -13.02 2.97 -38.34
N ASP C 26 -2.91 -19.39 -48.91
CA ASP C 26 -3.76 -18.89 -47.83
C ASP C 26 -2.92 -18.53 -46.62
N ASN C 27 -1.59 -18.56 -46.80
CA ASN C 27 -0.64 -18.28 -45.72
C ASN C 27 -0.05 -16.88 -45.81
N TRP C 28 -0.45 -16.01 -44.89
CA TRP C 28 0.05 -14.64 -44.86
C TRP C 28 1.37 -14.55 -44.11
N ARG C 29 2.35 -13.93 -44.75
CA ARG C 29 3.68 -13.77 -44.16
C ARG C 29 3.86 -12.40 -43.49
N TYR C 30 4.38 -12.42 -42.26
CA TYR C 30 4.34 -11.28 -41.36
C TYR C 30 5.67 -11.17 -40.65
N ALA C 31 6.30 -10.00 -40.70
CA ALA C 31 7.63 -9.82 -40.11
C ALA C 31 7.72 -8.63 -39.14
N HIS C 32 8.38 -8.82 -38.00
CA HIS C 32 8.68 -7.68 -37.13
C HIS C 32 10.17 -7.53 -36.82
N GLU C 33 10.50 -6.51 -36.02
CA GLU C 33 11.89 -6.09 -35.83
C GLU C 33 12.59 -6.77 -34.65
N GLU C 34 11.87 -7.63 -33.94
CA GLU C 34 12.34 -8.07 -32.63
C GLU C 34 12.25 -9.58 -32.42
N TYR C 35 12.63 -10.00 -31.22
CA TYR C 35 12.65 -11.42 -30.86
C TYR C 35 11.39 -11.83 -30.11
N GLU C 36 11.25 -13.13 -29.87
CA GLU C 36 10.04 -13.67 -29.25
C GLU C 36 9.74 -13.03 -27.90
N GLY C 37 8.45 -12.73 -27.67
CA GLY C 37 8.04 -12.16 -26.40
C GLY C 37 8.16 -10.64 -26.34
N ASP C 38 8.93 -10.06 -27.26
CA ASP C 38 9.03 -8.60 -27.36
C ASP C 38 7.65 -8.01 -27.66
N VAL C 39 7.50 -6.72 -27.36
CA VAL C 39 6.22 -6.05 -27.53
C VAL C 39 5.62 -6.23 -28.93
N GLN C 40 6.43 -6.06 -29.97
CA GLN C 40 5.94 -6.23 -31.33
C GLN C 40 5.48 -7.67 -31.55
N ASP C 41 6.20 -8.61 -30.93
CA ASP C 41 5.81 -10.01 -31.00
C ASP C 41 4.47 -10.23 -30.34
N VAL C 42 4.26 -9.57 -29.20
CA VAL C 42 2.97 -9.65 -28.53
C VAL C 42 1.88 -9.19 -29.49
N PHE C 43 2.09 -8.05 -30.13
CA PHE C 43 1.15 -7.55 -31.12
C PHE C 43 0.96 -8.60 -32.24
N ALA C 44 2.07 -9.20 -32.67
CA ALA C 44 2.03 -10.16 -33.79
C ALA C 44 1.25 -11.42 -33.45
N GLN C 45 1.58 -12.04 -32.33
CA GLN C 45 0.89 -13.26 -31.90
C GLN C 45 -0.61 -13.03 -31.74
N ALA C 46 -0.97 -11.86 -31.22
CA ALA C 46 -2.36 -11.47 -31.06
C ALA C 46 -3.08 -11.36 -32.41
N PHE C 47 -2.41 -10.73 -33.38
CA PHE C 47 -2.97 -10.60 -34.73
C PHE C 47 -3.15 -11.98 -35.35
N LYS C 48 -2.10 -12.79 -35.25
CA LYS C 48 -2.13 -14.18 -35.69
C LYS C 48 -3.28 -14.91 -35.03
N GLY C 49 -3.34 -14.82 -33.71
CA GLY C 49 -4.38 -15.47 -32.92
C GLY C 49 -5.77 -15.19 -33.45
N TYR C 50 -6.17 -13.93 -33.45
CA TYR C 50 -7.51 -13.56 -33.89
C TYR C 50 -7.83 -14.10 -35.28
N VAL C 51 -6.89 -13.93 -36.21
CA VAL C 51 -7.06 -14.42 -37.59
C VAL C 51 -7.32 -15.93 -37.63
N GLU C 52 -6.42 -16.69 -37.02
CA GLU C 52 -6.54 -18.14 -37.01
C GLU C 52 -7.78 -18.61 -36.24
N ASP C 53 -8.14 -17.88 -35.20
CA ASP C 53 -9.31 -18.24 -34.40
C ASP C 53 -10.61 -17.93 -35.14
N ASN C 54 -10.57 -17.00 -36.07
CA ASN C 54 -11.78 -16.53 -36.74
C ASN C 54 -11.84 -16.82 -38.24
N SER C 55 -10.90 -17.61 -38.74
CA SER C 55 -10.83 -17.86 -40.17
C SER C 55 -9.99 -19.08 -40.50
N ASP C 56 -10.02 -19.46 -41.78
CA ASP C 56 -9.25 -20.59 -42.29
C ASP C 56 -7.83 -20.17 -42.65
N HIS C 57 -7.59 -18.86 -42.68
CA HIS C 57 -6.27 -18.31 -43.02
C HIS C 57 -5.27 -18.50 -41.88
N THR C 58 -4.00 -18.53 -42.21
CA THR C 58 -2.94 -18.63 -41.21
C THR C 58 -1.94 -17.49 -41.37
N VAL C 59 -1.36 -17.07 -40.25
CA VAL C 59 -0.36 -16.01 -40.24
C VAL C 59 0.99 -16.53 -39.75
N GLN C 60 1.96 -16.62 -40.66
CA GLN C 60 3.32 -17.01 -40.29
C GLN C 60 4.10 -15.79 -39.85
N VAL C 61 4.45 -15.71 -38.57
CA VAL C 61 5.19 -14.57 -38.05
C VAL C 61 6.68 -14.84 -37.98
N TYR C 62 7.48 -13.93 -38.51
CA TYR C 62 8.93 -14.05 -38.52
C TYR C 62 9.58 -13.04 -37.59
N ARG C 63 10.30 -13.53 -36.58
CA ARG C 63 11.02 -12.68 -35.64
C ARG C 63 12.21 -12.03 -36.34
N PHE C 64 12.90 -11.13 -35.66
CA PHE C 64 14.05 -10.43 -36.26
C PHE C 64 15.07 -11.39 -36.85
N GLY C 65 15.62 -11.02 -38.01
CA GLY C 65 16.68 -11.78 -38.63
C GLY C 65 16.27 -13.09 -39.28
N GLU C 66 15.13 -13.63 -38.87
CA GLU C 66 14.68 -14.94 -39.35
C GLU C 66 14.42 -15.01 -40.86
N LEU C 67 14.76 -13.95 -41.58
CA LEU C 67 14.61 -13.95 -43.03
C LEU C 67 15.97 -13.98 -43.74
N SER C 70 18.56 -8.07 -44.06
CA SER C 70 18.03 -7.62 -42.77
C SER C 70 17.19 -6.37 -42.92
N ASP C 71 17.83 -5.26 -43.33
CA ASP C 71 17.12 -4.00 -43.48
C ASP C 71 16.36 -3.93 -44.80
N ASP C 72 15.46 -4.88 -45.03
CA ASP C 72 14.73 -4.90 -46.29
C ASP C 72 13.29 -5.35 -46.12
N ILE C 73 12.91 -5.71 -44.89
CA ILE C 73 11.57 -6.23 -44.66
C ILE C 73 10.50 -5.20 -45.06
N MET C 74 10.88 -3.92 -45.04
CA MET C 74 9.98 -2.85 -45.45
C MET C 74 9.71 -2.84 -46.95
N GLU C 75 10.77 -2.89 -47.75
CA GLU C 75 10.64 -2.91 -49.21
C GLU C 75 10.01 -4.22 -49.69
N GLN C 76 10.26 -5.29 -48.95
CA GLN C 76 9.67 -6.59 -49.26
C GLN C 76 8.15 -6.53 -49.14
N THR C 77 7.67 -5.65 -48.26
CA THR C 77 6.24 -5.53 -48.01
C THR C 77 5.60 -4.61 -49.04
N GLN C 78 6.32 -3.59 -49.45
CA GLN C 78 5.89 -2.77 -50.58
C GLN C 78 5.73 -3.68 -51.77
N ASN C 79 6.73 -4.55 -51.95
CA ASN C 79 6.83 -5.41 -53.13
C ASN C 79 5.96 -6.66 -53.05
N GLY C 80 5.25 -6.84 -51.94
CA GLY C 80 4.30 -7.93 -51.83
C GLY C 80 4.90 -9.29 -51.54
N ILE C 81 6.20 -9.33 -51.24
CA ILE C 81 6.81 -10.56 -50.79
C ILE C 81 6.35 -10.90 -49.38
N LEU C 82 6.18 -9.86 -48.55
CA LEU C 82 5.51 -9.99 -47.26
C LEU C 82 4.11 -9.42 -47.37
N GLN C 83 3.19 -9.94 -46.56
CA GLN C 83 1.83 -9.43 -46.53
C GLN C 83 1.70 -8.42 -45.39
N PHE C 84 2.37 -8.70 -44.27
CA PHE C 84 2.34 -7.81 -43.12
C PHE C 84 3.73 -7.48 -42.61
N VAL C 85 3.91 -6.24 -42.16
CA VAL C 85 5.15 -5.89 -41.48
C VAL C 85 4.91 -4.90 -40.34
N ASN C 86 5.73 -5.03 -39.31
CA ASN C 86 5.77 -4.07 -38.23
C ASN C 86 7.13 -3.39 -38.25
N GLN C 87 7.14 -2.09 -38.52
CA GLN C 87 8.38 -1.32 -38.51
C GLN C 87 8.19 0.03 -37.84
N SER C 88 9.09 0.37 -36.94
CA SER C 88 9.01 1.64 -36.21
C SER C 88 9.29 2.81 -37.14
N PRO C 89 8.32 3.74 -37.25
CA PRO C 89 8.40 4.94 -38.08
C PRO C 89 9.76 5.62 -37.96
N GLY C 90 10.29 5.72 -36.74
CA GLY C 90 11.59 6.33 -36.53
C GLY C 90 12.69 5.75 -37.42
N PHE C 91 12.48 4.55 -37.94
CA PHE C 91 13.48 3.92 -38.80
C PHE C 91 12.93 3.71 -40.20
N THR C 92 11.93 4.52 -40.55
CA THR C 92 11.31 4.46 -41.86
C THR C 92 11.69 5.69 -42.66
N GLY C 93 12.56 6.51 -42.08
CA GLY C 93 13.01 7.76 -42.70
C GLY C 93 13.43 7.66 -44.15
N SER C 94 14.46 6.87 -44.43
CA SER C 94 14.95 6.73 -45.80
C SER C 94 13.80 6.58 -46.78
N LEU C 95 12.78 5.83 -46.39
CA LEU C 95 11.60 5.60 -47.22
C LEU C 95 10.60 6.73 -47.08
N ILE C 96 10.12 6.94 -45.86
CA ILE C 96 9.26 8.08 -45.57
C ILE C 96 9.97 9.02 -44.59
N PRO C 97 10.80 9.92 -45.13
CA PRO C 97 11.62 10.82 -44.31
C PRO C 97 10.88 11.43 -43.12
N SER C 98 9.61 11.77 -43.30
CA SER C 98 8.87 12.43 -42.23
C SER C 98 8.29 11.46 -41.19
N ALA C 99 8.52 10.16 -41.37
CA ALA C 99 8.10 9.18 -40.37
C ALA C 99 8.96 9.33 -39.11
N GLN C 100 10.19 9.80 -39.32
CA GLN C 100 11.13 10.07 -38.24
C GLN C 100 10.61 11.11 -37.28
N ILE C 101 9.39 11.60 -37.53
CA ILE C 101 8.83 12.71 -36.75
C ILE C 101 8.66 12.40 -35.28
N PHE C 102 8.53 11.11 -34.94
CA PHE C 102 8.27 10.69 -33.57
C PHE C 102 9.50 10.82 -32.65
N PHE C 103 10.66 11.15 -33.22
CA PHE C 103 11.85 11.35 -32.41
C PHE C 103 11.90 12.78 -31.86
N ILE C 104 10.95 13.61 -32.28
CA ILE C 104 10.79 14.95 -31.73
C ILE C 104 10.20 14.84 -30.33
N PRO C 105 10.93 15.35 -29.32
CA PRO C 105 10.50 15.24 -27.92
C PRO C 105 9.24 16.04 -27.65
N TYR C 106 8.30 15.46 -26.90
CA TYR C 106 7.07 16.13 -26.52
C TYR C 106 6.22 16.47 -27.74
N LEU C 107 6.32 15.65 -28.77
CA LEU C 107 5.45 15.77 -29.94
C LEU C 107 4.02 15.44 -29.50
N MET C 108 3.92 14.53 -28.55
CA MET C 108 2.63 14.00 -28.13
C MET C 108 2.46 14.26 -26.65
N PRO C 109 1.26 13.98 -26.10
CA PRO C 109 1.02 14.13 -24.65
C PRO C 109 2.10 13.46 -23.81
N THR C 110 2.21 13.86 -22.54
CA THR C 110 3.27 13.39 -21.66
C THR C 110 2.81 12.31 -20.68
N ASP C 111 1.58 11.86 -20.82
CA ASP C 111 1.09 10.73 -20.02
C ASP C 111 0.46 9.67 -20.92
N MET C 112 0.71 8.41 -20.59
CA MET C 112 0.28 7.28 -21.41
C MET C 112 -1.16 7.39 -21.89
N ASP C 113 -2.07 7.68 -20.96
CA ASP C 113 -3.50 7.67 -21.25
C ASP C 113 -3.92 8.77 -22.23
N THR C 114 -3.23 9.90 -22.19
CA THR C 114 -3.55 10.99 -23.11
C THR C 114 -2.87 10.78 -24.46
N VAL C 115 -1.72 10.12 -24.45
CA VAL C 115 -1.06 9.70 -25.68
C VAL C 115 -1.98 8.72 -26.41
N LEU C 116 -2.58 7.81 -25.66
CA LEU C 116 -3.50 6.84 -26.23
C LEU C 116 -4.67 7.54 -26.87
N GLU C 117 -5.15 8.60 -26.24
CA GLU C 117 -6.25 9.39 -26.77
C GLU C 117 -5.80 10.09 -28.05
N PHE C 118 -4.60 10.64 -28.00
CA PHE C 118 -3.97 11.30 -29.15
C PHE C 118 -3.91 10.36 -30.37
N PHE C 119 -3.46 9.13 -30.14
CA PHE C 119 -3.40 8.14 -31.21
C PHE C 119 -4.76 7.89 -31.82
N ASP C 120 -5.79 7.95 -30.99
CA ASP C 120 -7.16 7.69 -31.44
C ASP C 120 -7.66 8.77 -32.40
N GLU C 121 -7.33 10.03 -32.11
CA GLU C 121 -7.97 11.15 -32.80
C GLU C 121 -7.03 12.09 -33.56
N SER C 122 -5.73 11.80 -33.59
CA SER C 122 -4.81 12.62 -34.37
C SER C 122 -5.12 12.51 -35.86
N LYS C 123 -5.21 13.66 -36.52
CA LYS C 123 -5.48 13.72 -37.96
C LYS C 123 -4.21 13.36 -38.74
N ALA C 124 -3.06 13.69 -38.15
CA ALA C 124 -1.78 13.31 -38.74
C ALA C 124 -1.65 11.78 -38.71
N ILE C 125 -1.90 11.20 -37.54
CA ILE C 125 -1.80 9.75 -37.36
C ILE C 125 -2.87 8.98 -38.15
N ASN C 126 -4.13 9.36 -37.94
CA ASN C 126 -5.25 8.63 -38.51
C ASN C 126 -5.60 9.02 -39.94
N GLU C 127 -5.11 10.15 -40.41
CA GLU C 127 -5.43 10.58 -41.77
C GLU C 127 -4.21 10.75 -42.68
N MET C 128 -3.23 11.54 -42.23
CA MET C 128 -2.07 11.85 -43.06
C MET C 128 -1.11 10.67 -43.27
N PHE C 129 -0.57 10.15 -42.16
CA PHE C 129 0.33 9.00 -42.24
C PHE C 129 -0.21 7.89 -43.16
N PRO C 130 -1.48 7.48 -42.96
CA PRO C 130 -2.08 6.52 -43.89
C PRO C 130 -1.86 6.90 -45.35
N LYS C 131 -2.06 8.18 -45.69
CA LYS C 131 -1.88 8.64 -47.06
C LYS C 131 -0.41 8.53 -47.47
N LEU C 132 0.47 8.97 -46.57
CA LEU C 132 1.91 8.92 -46.82
C LEU C 132 2.38 7.49 -47.07
N TYR C 133 1.90 6.57 -46.25
CA TYR C 133 2.26 5.17 -46.41
C TYR C 133 1.64 4.59 -47.67
N ALA C 134 0.42 5.03 -47.99
CA ALA C 134 -0.28 4.49 -49.14
C ALA C 134 0.40 4.92 -50.42
N GLU C 135 1.08 6.06 -50.36
CA GLU C 135 1.83 6.56 -51.51
C GLU C 135 2.99 5.62 -51.80
N HIS C 136 3.39 4.85 -50.79
CA HIS C 136 4.51 3.95 -50.95
C HIS C 136 4.03 2.50 -50.96
N GLY C 137 2.74 2.31 -51.22
CA GLY C 137 2.18 0.98 -51.40
C GLY C 137 1.84 0.24 -50.11
N LEU C 138 1.85 0.93 -48.99
CA LEU C 138 1.53 0.31 -47.70
C LEU C 138 0.16 0.75 -47.17
N GLU C 139 -0.59 -0.23 -46.66
CA GLU C 139 -1.84 0.00 -45.95
C GLU C 139 -1.56 0.06 -44.46
N LEU C 140 -1.33 1.26 -43.95
CA LEU C 140 -1.07 1.42 -42.53
C LEU C 140 -2.27 0.94 -41.72
N LEU C 141 -2.05 -0.04 -40.85
CA LEU C 141 -3.16 -0.62 -40.09
C LEU C 141 -3.18 -0.09 -38.67
N LYS C 142 -2.01 0.17 -38.12
CA LYS C 142 -1.96 0.50 -36.72
C LYS C 142 -0.63 1.14 -36.32
N MET C 143 -0.71 2.34 -35.76
CA MET C 143 0.45 2.93 -35.11
C MET C 143 0.23 2.87 -33.62
N TYR C 144 1.24 2.44 -32.87
CA TYR C 144 1.07 2.32 -31.43
C TYR C 144 2.36 2.55 -30.64
N PRO C 145 2.21 3.09 -29.41
CA PRO C 145 3.29 3.30 -28.46
C PRO C 145 3.75 1.98 -27.86
N GLU C 146 5.04 1.68 -27.91
CA GLU C 146 5.56 0.45 -27.30
C GLU C 146 5.82 0.65 -25.81
N GLY C 147 5.84 1.91 -25.37
CA GLY C 147 6.06 2.23 -23.96
C GLY C 147 6.85 3.51 -23.76
N GLU C 148 6.71 4.12 -22.59
CA GLU C 148 7.36 5.40 -22.29
C GLU C 148 8.88 5.29 -22.27
N MET C 149 9.56 6.26 -22.89
CA MET C 149 11.02 6.33 -22.81
C MET C 149 11.42 6.72 -21.40
N VAL C 150 12.44 6.06 -20.87
CA VAL C 150 12.90 6.31 -19.51
C VAL C 150 14.41 6.53 -19.51
N VAL C 151 14.84 7.55 -18.77
CA VAL C 151 16.25 7.92 -18.71
C VAL C 151 16.90 7.38 -17.44
N THR C 152 18.08 6.79 -17.57
CA THR C 152 18.84 6.41 -16.38
C THR C 152 20.18 7.11 -16.42
N ALA C 153 20.67 7.49 -15.25
CA ALA C 153 21.92 8.23 -15.15
C ALA C 153 22.51 8.13 -13.75
N ASP C 154 23.73 8.65 -13.59
CA ASP C 154 24.40 8.65 -12.30
C ASP C 154 23.77 9.63 -11.30
N GLU C 155 22.82 10.43 -11.77
CA GLU C 155 22.11 11.38 -10.92
C GLU C 155 20.68 11.54 -11.42
N PRO C 156 19.77 11.95 -10.54
CA PRO C 156 18.40 12.25 -10.97
C PRO C 156 18.40 13.47 -11.90
N ILE C 157 17.49 13.48 -12.87
CA ILE C 157 17.43 14.57 -13.82
C ILE C 157 16.16 15.38 -13.61
N THR C 158 16.30 16.52 -12.95
CA THR C 158 15.14 17.34 -12.62
C THR C 158 15.04 18.57 -13.52
N SER C 159 16.15 18.94 -14.15
CA SER C 159 16.13 20.02 -15.14
C SER C 159 17.17 19.78 -16.23
N PRO C 160 16.97 20.40 -17.41
CA PRO C 160 17.85 20.20 -18.57
C PRO C 160 19.33 20.39 -18.26
N GLU C 161 19.70 21.38 -17.44
CA GLU C 161 21.12 21.62 -17.21
C GLU C 161 21.74 20.46 -16.43
N ASP C 162 20.91 19.56 -15.92
CA ASP C 162 21.37 18.29 -15.33
C ASP C 162 22.00 17.37 -16.37
N PHE C 163 21.50 17.46 -17.60
CA PHE C 163 22.06 16.69 -18.72
C PHE C 163 23.44 17.20 -19.10
N ASP C 164 23.75 18.44 -18.71
CA ASP C 164 25.02 19.05 -19.08
C ASP C 164 26.20 18.17 -18.72
N ASN C 165 27.12 18.03 -19.68
CA ASN C 165 28.35 17.28 -19.46
C ASN C 165 28.16 15.76 -19.36
N LYS C 166 26.94 15.29 -19.64
CA LYS C 166 26.64 13.86 -19.59
C LYS C 166 26.65 13.21 -20.97
N LYS C 167 27.41 12.12 -21.10
CA LYS C 167 27.37 11.30 -22.31
C LYS C 167 26.17 10.35 -22.24
N ILE C 168 25.17 10.61 -23.06
CA ILE C 168 23.92 9.87 -23.02
C ILE C 168 23.77 8.97 -24.24
N ARG C 169 23.72 7.67 -24.02
CA ARG C 169 23.51 6.71 -25.09
C ARG C 169 22.03 6.62 -25.48
N THR C 170 21.76 6.72 -26.78
CA THR C 170 20.42 6.47 -27.29
C THR C 170 20.50 5.60 -28.55
N MET C 171 19.34 5.23 -29.10
CA MET C 171 19.31 4.52 -30.37
C MET C 171 19.93 5.41 -31.44
N THR C 172 20.29 4.82 -32.57
CA THR C 172 20.95 5.56 -33.64
C THR C 172 19.95 6.30 -34.50
N ASN C 173 20.06 7.64 -34.51
CA ASN C 173 19.25 8.48 -35.37
C ASN C 173 19.58 9.96 -35.16
N PRO C 174 19.68 10.73 -36.25
CA PRO C 174 20.03 12.15 -36.22
C PRO C 174 19.15 12.97 -35.27
N LEU C 175 17.85 12.71 -35.27
CA LEU C 175 16.93 13.46 -34.40
C LEU C 175 17.12 13.12 -32.91
N LEU C 176 17.23 11.84 -32.59
CA LEU C 176 17.49 11.43 -31.20
C LEU C 176 18.78 12.07 -30.66
N ALA C 177 19.80 12.15 -31.50
CA ALA C 177 21.03 12.87 -31.15
C ALA C 177 20.75 14.36 -30.98
N GLU C 178 19.89 14.89 -31.83
CA GLU C 178 19.49 16.29 -31.75
C GLU C 178 18.80 16.57 -30.43
N THR C 179 17.88 15.69 -30.05
CA THR C 179 17.17 15.78 -28.79
C THR C 179 18.09 15.96 -27.59
N TYR C 180 19.09 15.10 -27.48
CA TYR C 180 19.98 15.16 -26.32
C TYR C 180 20.99 16.29 -26.40
N LYS C 181 21.27 16.74 -27.62
CA LYS C 181 22.04 17.96 -27.82
C LYS C 181 21.26 19.15 -27.25
N ALA C 182 20.03 19.31 -27.72
CA ALA C 182 19.12 20.35 -27.25
C ALA C 182 19.00 20.36 -25.74
N PHE C 183 18.97 19.16 -25.15
CA PHE C 183 18.85 18.98 -23.72
C PHE C 183 20.10 19.38 -22.96
N GLY C 184 21.21 19.56 -23.69
CA GLY C 184 22.49 19.94 -23.11
C GLY C 184 23.47 18.79 -22.96
N ALA C 185 23.04 17.59 -23.35
CA ALA C 185 23.85 16.40 -23.17
C ALA C 185 24.81 16.18 -24.35
N THR C 186 25.67 15.18 -24.22
CA THR C 186 26.52 14.75 -25.33
C THR C 186 26.08 13.40 -25.86
N PRO C 187 25.43 13.40 -27.04
CA PRO C 187 24.96 12.17 -27.70
C PRO C 187 26.10 11.18 -27.85
N THR C 188 25.93 9.96 -27.36
CA THR C 188 27.02 8.97 -27.37
C THR C 188 26.50 7.57 -27.68
N PRO C 189 26.24 7.29 -28.97
CA PRO C 189 25.81 5.96 -29.41
C PRO C 189 26.79 4.85 -29.00
N LEU C 190 26.25 3.66 -28.83
CA LEU C 190 27.00 2.50 -28.36
C LEU C 190 26.18 1.27 -28.64
N PRO C 191 26.84 0.19 -29.09
CA PRO C 191 26.17 -1.10 -29.30
C PRO C 191 25.53 -1.56 -28.01
N TRP C 192 24.27 -1.96 -28.07
CA TRP C 192 23.53 -2.34 -26.88
C TRP C 192 24.34 -3.28 -26.00
N GLY C 193 25.11 -4.16 -26.62
CA GLY C 193 25.88 -5.15 -25.91
C GLY C 193 27.01 -4.57 -25.08
N GLU C 194 27.30 -3.29 -25.31
CA GLU C 194 28.40 -2.62 -24.60
C GLU C 194 27.88 -1.58 -23.62
N VAL C 195 26.55 -1.46 -23.58
CA VAL C 195 25.90 -0.44 -22.77
C VAL C 195 26.13 -0.69 -21.28
N TYR C 196 25.86 -1.91 -20.83
CA TYR C 196 26.04 -2.23 -19.41
C TYR C 196 27.45 -1.87 -18.96
N GLY C 197 28.44 -2.33 -19.73
CA GLY C 197 29.84 -2.02 -19.47
C GLY C 197 30.14 -0.54 -19.52
N GLY C 198 29.63 0.14 -20.54
CA GLY C 198 29.82 1.57 -20.70
C GLY C 198 29.38 2.38 -19.49
N LEU C 199 28.18 2.11 -19.02
CA LEU C 199 27.65 2.72 -17.80
C LEU C 199 28.52 2.43 -16.60
N GLN C 200 29.00 1.20 -16.51
CA GLN C 200 29.79 0.74 -15.36
C GLN C 200 31.14 1.47 -15.26
N THR C 201 31.79 1.69 -16.40
CA THR C 201 33.11 2.32 -16.41
C THR C 201 33.09 3.81 -16.74
N GLY C 202 31.89 4.38 -16.94
CA GLY C 202 31.75 5.80 -17.23
C GLY C 202 31.98 6.22 -18.68
N ILE C 203 32.09 5.26 -19.59
CA ILE C 203 32.16 5.59 -21.02
C ILE C 203 30.88 6.32 -21.45
N ILE C 204 29.77 5.99 -20.80
CA ILE C 204 28.52 6.74 -20.92
C ILE C 204 28.00 7.00 -19.51
N ASP C 205 27.27 8.10 -19.34
CA ASP C 205 26.80 8.52 -18.02
C ASP C 205 25.34 8.17 -17.83
N GLY C 206 24.72 7.71 -18.91
CA GLY C 206 23.31 7.35 -18.87
C GLY C 206 22.81 6.93 -20.23
N GLN C 207 21.52 6.60 -20.29
CA GLN C 207 20.94 6.09 -21.52
C GLN C 207 19.43 6.14 -21.40
N GLU C 208 18.74 5.95 -22.52
CA GLU C 208 17.29 5.97 -22.50
C GLU C 208 16.75 4.68 -23.08
N ASN C 209 15.67 4.18 -22.49
CA ASN C 209 15.09 2.91 -22.88
C ASN C 209 13.73 2.70 -22.23
N PRO C 210 12.92 1.80 -22.81
CA PRO C 210 11.69 1.42 -22.14
C PRO C 210 12.05 0.78 -20.81
N ILE C 211 11.17 0.94 -19.82
CA ILE C 211 11.42 0.41 -18.48
C ILE C 211 11.75 -1.09 -18.47
N PHE C 212 11.19 -1.84 -19.41
CA PHE C 212 11.40 -3.29 -19.42
C PHE C 212 12.79 -3.68 -19.92
N TRP C 213 13.40 -2.84 -20.74
CA TRP C 213 14.75 -3.10 -21.20
C TRP C 213 15.78 -2.66 -20.16
N ILE C 214 15.44 -1.63 -19.40
CA ILE C 214 16.27 -1.22 -18.27
C ILE C 214 16.36 -2.38 -17.27
N GLU C 215 15.20 -2.87 -16.83
CA GLU C 215 15.14 -4.01 -15.92
C GLU C 215 15.81 -5.24 -16.53
N SER C 216 15.35 -5.62 -17.72
CA SER C 216 15.84 -6.83 -18.39
C SER C 216 17.34 -6.80 -18.67
N GLY C 217 17.87 -5.62 -18.99
CA GLY C 217 19.29 -5.51 -19.24
C GLY C 217 20.06 -5.39 -17.93
N GLY C 218 19.33 -5.32 -16.82
CA GLY C 218 19.93 -5.06 -15.53
C GLY C 218 20.61 -3.69 -15.45
N LEU C 219 20.17 -2.77 -16.30
CA LEU C 219 20.78 -1.44 -16.40
C LEU C 219 20.77 -0.64 -15.08
N TYR C 220 19.69 -0.77 -14.32
CA TYR C 220 19.54 -0.05 -13.05
C TYR C 220 20.68 -0.34 -12.07
N GLU C 221 21.35 -1.46 -12.25
CA GLU C 221 22.42 -1.87 -11.35
C GLU C 221 23.57 -0.87 -11.41
N VAL C 222 23.87 -0.39 -12.61
CA VAL C 222 25.01 0.49 -12.83
C VAL C 222 24.57 1.89 -13.26
N SER C 223 23.29 2.17 -13.06
CA SER C 223 22.70 3.43 -13.46
C SER C 223 21.40 3.56 -12.65
N PRO C 224 21.53 3.87 -11.36
CA PRO C 224 20.45 3.76 -10.38
C PRO C 224 19.32 4.79 -10.54
N ASN C 225 19.61 5.95 -11.11
CA ASN C 225 18.65 7.06 -11.08
C ASN C 225 17.75 7.12 -12.30
N LEU C 226 16.48 6.74 -12.14
CA LEU C 226 15.52 6.76 -13.22
C LEU C 226 14.77 8.08 -13.26
N THR C 227 14.57 8.62 -14.45
CA THR C 227 13.78 9.82 -14.58
C THR C 227 12.74 9.71 -15.69
N PHE C 228 11.47 9.80 -15.31
CA PHE C 228 10.40 9.73 -16.27
C PHE C 228 10.14 11.11 -16.86
N THR C 229 10.88 11.41 -17.92
CA THR C 229 10.85 12.72 -18.56
C THR C 229 9.63 12.82 -19.46
N SER C 230 9.06 11.67 -19.81
CA SER C 230 7.85 11.61 -20.64
C SER C 230 7.98 12.32 -22.00
N HIS C 231 9.20 12.45 -22.48
CA HIS C 231 9.43 13.21 -23.71
C HIS C 231 9.17 12.38 -24.95
N GLY C 232 9.02 11.07 -24.76
CA GLY C 232 8.90 10.16 -25.88
C GLY C 232 8.24 8.83 -25.57
N TRP C 233 7.64 8.24 -26.60
CA TRP C 233 7.04 6.93 -26.51
C TRP C 233 7.47 6.23 -27.78
N PHE C 234 8.19 5.13 -27.66
CA PHE C 234 8.72 4.47 -28.83
C PHE C 234 7.60 4.00 -29.75
N THR C 235 7.19 4.90 -30.63
CA THR C 235 6.11 4.63 -31.56
C THR C 235 6.59 3.63 -32.60
N THR C 236 5.77 2.62 -32.86
CA THR C 236 6.05 1.70 -33.96
C THR C 236 4.77 1.61 -34.79
N ALA C 237 4.86 0.97 -35.95
CA ALA C 237 3.69 0.88 -36.82
C ALA C 237 3.58 -0.51 -37.42
N MET C 238 2.33 -0.95 -37.64
CA MET C 238 2.05 -2.23 -38.26
C MET C 238 1.24 -1.95 -39.53
N MET C 239 1.54 -2.68 -40.61
CA MET C 239 0.94 -2.40 -41.90
C MET C 239 0.90 -3.62 -42.83
N ALA C 240 0.13 -3.52 -43.89
CA ALA C 240 0.05 -4.58 -44.89
C ALA C 240 0.46 -4.05 -46.25
N ASN C 241 0.86 -4.95 -47.15
CA ASN C 241 1.01 -4.58 -48.53
C ASN C 241 -0.36 -4.11 -49.00
N GLN C 242 -0.42 -2.93 -49.61
CA GLN C 242 -1.72 -2.35 -49.94
C GLN C 242 -2.46 -3.13 -51.03
N ASP C 243 -1.74 -3.48 -52.10
CA ASP C 243 -2.32 -4.33 -53.14
C ASP C 243 -2.90 -5.61 -52.56
N PHE C 244 -2.17 -6.22 -51.64
CA PHE C 244 -2.65 -7.43 -50.99
C PHE C 244 -3.92 -7.15 -50.20
N TYR C 245 -3.89 -6.13 -49.35
CA TYR C 245 -5.05 -5.82 -48.51
C TYR C 245 -6.28 -5.50 -49.36
N GLU C 246 -6.09 -4.65 -50.37
CA GLU C 246 -7.18 -4.25 -51.25
C GLU C 246 -7.79 -5.47 -51.95
N GLY C 247 -6.93 -6.37 -52.41
CA GLY C 247 -7.37 -7.56 -53.10
C GLY C 247 -8.17 -8.51 -52.24
N LEU C 248 -8.04 -8.37 -50.92
CA LEU C 248 -8.82 -9.21 -50.01
C LEU C 248 -10.31 -8.96 -50.20
N SER C 249 -11.12 -9.93 -49.83
CA SER C 249 -12.56 -9.77 -49.88
C SER C 249 -13.00 -8.77 -48.82
N GLU C 250 -14.19 -8.20 -49.01
CA GLU C 250 -14.79 -7.31 -48.03
C GLU C 250 -14.79 -7.96 -46.64
N GLU C 251 -14.97 -9.28 -46.62
CA GLU C 251 -14.97 -10.03 -45.37
C GLU C 251 -13.57 -10.12 -44.76
N ASP C 252 -12.58 -10.41 -45.59
CA ASP C 252 -11.21 -10.59 -45.12
C ASP C 252 -10.57 -9.28 -44.73
N GLN C 253 -10.91 -8.21 -45.45
CA GLN C 253 -10.44 -6.88 -45.09
C GLN C 253 -10.92 -6.60 -43.68
N GLN C 254 -12.19 -6.89 -43.42
CA GLN C 254 -12.76 -6.70 -42.09
C GLN C 254 -12.04 -7.55 -41.05
N LEU C 255 -11.79 -8.81 -41.39
CA LEU C 255 -11.09 -9.73 -40.51
C LEU C 255 -9.77 -9.14 -40.06
N VAL C 256 -9.03 -8.56 -41.00
CA VAL C 256 -7.73 -7.99 -40.67
C VAL C 256 -7.90 -6.79 -39.74
N GLN C 257 -8.83 -5.89 -40.08
CA GLN C 257 -9.10 -4.72 -39.26
C GLN C 257 -9.41 -5.12 -37.83
N ASP C 258 -10.34 -6.06 -37.66
CA ASP C 258 -10.68 -6.56 -36.34
C ASP C 258 -9.48 -7.27 -35.71
N ALA C 259 -8.65 -7.89 -36.53
CA ALA C 259 -7.47 -8.58 -36.03
C ALA C 259 -6.45 -7.56 -35.55
N ALA C 260 -6.39 -6.43 -36.25
CA ALA C 260 -5.51 -5.34 -35.87
C ALA C 260 -6.02 -4.64 -34.61
N ASP C 261 -7.33 -4.43 -34.54
CA ASP C 261 -7.96 -3.78 -33.38
C ASP C 261 -7.73 -4.61 -32.12
N ALA C 262 -7.92 -5.92 -32.24
CA ALA C 262 -7.75 -6.83 -31.10
C ALA C 262 -6.30 -6.86 -30.65
N ALA C 263 -5.38 -6.90 -31.60
CA ALA C 263 -3.95 -6.90 -31.28
C ALA C 263 -3.56 -5.61 -30.55
N TYR C 264 -3.98 -4.47 -31.11
CA TYR C 264 -3.74 -3.16 -30.52
C TYR C 264 -4.19 -3.09 -29.06
N ASP C 265 -5.44 -3.51 -28.80
CA ASP C 265 -6.04 -3.45 -27.46
C ASP C 265 -5.34 -4.37 -26.48
N HIS C 266 -4.94 -5.55 -26.96
CA HIS C 266 -4.25 -6.52 -26.12
C HIS C 266 -2.83 -6.03 -25.82
N THR C 267 -2.22 -5.35 -26.79
CA THR C 267 -0.86 -4.85 -26.62
C THR C 267 -0.79 -3.68 -25.62
N ILE C 268 -1.79 -2.81 -25.68
CA ILE C 268 -1.90 -1.72 -24.74
C ILE C 268 -1.99 -2.27 -23.31
N GLU C 269 -2.69 -3.39 -23.17
CA GLU C 269 -2.87 -4.02 -21.87
C GLU C 269 -1.58 -4.68 -21.38
N HIS C 270 -0.92 -5.42 -22.26
CA HIS C 270 0.34 -6.08 -21.92
C HIS C 270 1.41 -5.05 -21.57
N ILE C 271 1.48 -3.98 -22.35
CA ILE C 271 2.44 -2.92 -22.08
C ILE C 271 2.20 -2.33 -20.69
N LYS C 272 0.96 -1.99 -20.37
CA LYS C 272 0.62 -1.46 -19.05
C LYS C 272 1.09 -2.41 -17.95
N GLY C 273 0.72 -3.68 -18.06
CA GLY C 273 1.13 -4.68 -17.08
C GLY C 273 2.63 -4.90 -17.06
N LEU C 274 3.25 -4.79 -18.23
CA LEU C 274 4.69 -4.98 -18.33
C LEU C 274 5.41 -3.85 -17.60
N SER C 275 4.89 -2.64 -17.75
CA SER C 275 5.56 -1.46 -17.22
C SER C 275 5.60 -1.39 -15.69
N GLU C 276 4.49 -1.73 -15.03
CA GLU C 276 4.44 -1.67 -13.57
C GLU C 276 5.24 -2.81 -12.94
N GLU C 277 5.15 -3.99 -13.54
CA GLU C 277 5.84 -5.16 -13.02
C GLU C 277 7.36 -5.01 -13.16
N SER C 278 7.79 -4.42 -14.27
CA SER C 278 9.21 -4.20 -14.50
C SER C 278 9.77 -3.30 -13.40
N LEU C 279 8.98 -2.31 -13.01
CA LEU C 279 9.39 -1.33 -12.01
C LEU C 279 9.36 -1.93 -10.60
N GLU C 280 8.38 -2.77 -10.33
CA GLU C 280 8.35 -3.52 -9.08
C GLU C 280 9.62 -4.34 -8.97
N LYS C 281 9.94 -5.05 -10.05
CA LYS C 281 11.14 -5.87 -10.11
C LYS C 281 12.38 -5.04 -9.82
N ILE C 282 12.39 -3.82 -10.32
CA ILE C 282 13.55 -2.94 -10.20
C ILE C 282 13.74 -2.43 -8.77
N LYS C 283 12.65 -1.93 -8.19
CA LYS C 283 12.70 -1.44 -6.82
C LYS C 283 13.05 -2.57 -5.85
N ALA C 284 12.46 -3.74 -6.09
CA ALA C 284 12.68 -4.90 -5.23
C ALA C 284 14.13 -5.36 -5.26
N ALA C 285 14.77 -5.23 -6.42
CA ALA C 285 16.11 -5.77 -6.63
C ALA C 285 17.24 -4.88 -6.11
N SER C 286 16.97 -3.58 -6.04
CA SER C 286 18.03 -2.63 -5.72
C SER C 286 17.60 -1.53 -4.76
N ASP C 287 18.37 -1.36 -3.69
CA ASP C 287 18.11 -0.36 -2.66
C ASP C 287 18.45 1.05 -3.14
N GLU C 288 19.46 1.17 -3.99
CA GLU C 288 19.96 2.49 -4.40
C GLU C 288 19.24 3.10 -5.60
N VAL C 289 18.13 2.51 -6.00
CA VAL C 289 17.39 3.01 -7.16
C VAL C 289 16.63 4.30 -6.85
N THR C 290 16.62 5.21 -7.82
CA THR C 290 15.90 6.47 -7.70
C THR C 290 14.79 6.51 -8.73
N VAL C 291 13.66 7.09 -8.37
CA VAL C 291 12.59 7.32 -9.34
C VAL C 291 12.08 8.76 -9.29
N THR C 292 12.36 9.50 -10.36
CA THR C 292 11.94 10.89 -10.46
C THR C 292 10.85 11.02 -11.50
N ARG C 293 9.80 11.76 -11.18
CA ARG C 293 8.74 12.05 -12.13
C ARG C 293 8.59 13.56 -12.35
N LEU C 294 8.61 13.98 -13.61
CA LEU C 294 8.57 15.40 -13.93
C LEU C 294 7.16 15.92 -13.95
N ASN C 295 6.89 16.94 -13.12
CA ASN C 295 5.57 17.54 -13.10
C ASN C 295 5.36 18.49 -14.27
N ASP C 296 4.16 19.06 -14.35
CA ASP C 296 3.77 19.94 -15.44
C ASP C 296 4.82 21.02 -15.64
N GLU C 297 5.31 21.58 -14.53
CA GLU C 297 6.24 22.70 -14.56
C GLU C 297 7.70 22.31 -14.90
N GLN C 298 8.18 21.22 -14.30
CA GLN C 298 9.51 20.71 -14.63
C GLN C 298 9.61 20.35 -16.11
N ILE C 299 8.57 19.71 -16.62
CA ILE C 299 8.53 19.32 -18.02
C ILE C 299 8.62 20.55 -18.93
N GLN C 300 8.12 21.67 -18.44
CA GLN C 300 8.15 22.89 -19.23
C GLN C 300 9.57 23.20 -19.70
N ALA C 301 10.52 23.12 -18.78
CA ALA C 301 11.90 23.47 -19.08
C ALA C 301 12.47 22.55 -20.16
N PHE C 302 12.02 21.31 -20.20
CA PHE C 302 12.48 20.37 -21.22
C PHE C 302 11.77 20.67 -22.54
N LYS C 303 10.47 20.92 -22.48
CA LYS C 303 9.72 21.26 -23.68
C LYS C 303 10.36 22.44 -24.41
N GLU C 304 10.96 23.36 -23.67
CA GLU C 304 11.52 24.56 -24.27
C GLU C 304 12.70 24.25 -25.18
N ARG C 305 13.31 23.08 -24.98
CA ARG C 305 14.46 22.65 -25.78
C ARG C 305 14.03 22.02 -27.11
N ALA C 306 12.72 21.79 -27.26
CA ALA C 306 12.20 21.00 -28.40
C ALA C 306 12.30 21.65 -29.79
N PRO C 307 12.04 22.97 -29.88
CA PRO C 307 12.05 23.64 -31.19
C PRO C 307 13.35 23.44 -31.96
N GLN C 308 14.44 23.21 -31.23
CA GLN C 308 15.71 22.93 -31.86
C GLN C 308 15.59 21.65 -32.69
N VAL C 309 14.99 20.62 -32.10
CA VAL C 309 14.78 19.35 -32.79
C VAL C 309 13.75 19.52 -33.90
N GLU C 310 12.66 20.22 -33.62
CA GLU C 310 11.62 20.44 -34.62
C GLU C 310 12.21 21.09 -35.86
N GLU C 311 13.12 22.03 -35.64
CA GLU C 311 13.78 22.74 -36.73
C GLU C 311 14.59 21.78 -37.58
N LYS C 312 15.40 20.95 -36.92
CA LYS C 312 16.21 19.95 -37.61
C LYS C 312 15.31 19.02 -38.43
N PHE C 313 14.14 18.70 -37.88
CA PHE C 313 13.22 17.81 -38.58
C PHE C 313 12.84 18.39 -39.94
N ILE C 314 12.47 19.67 -39.94
CA ILE C 314 12.11 20.35 -41.17
C ILE C 314 13.27 20.37 -42.16
N GLU C 315 14.48 20.59 -41.67
CA GLU C 315 15.67 20.55 -42.51
C GLU C 315 15.77 19.21 -43.22
N MET C 316 15.42 18.15 -42.50
CA MET C 316 15.59 16.79 -42.99
C MET C 316 14.46 16.36 -43.93
N THR C 317 13.28 16.95 -43.75
CA THR C 317 12.09 16.44 -44.41
C THR C 317 11.56 17.35 -45.51
N GLY C 318 11.60 18.66 -45.29
CA GLY C 318 11.11 19.61 -46.26
C GLY C 318 9.68 20.01 -45.99
N GLU C 319 8.93 20.26 -47.06
CA GLU C 319 7.57 20.76 -46.93
C GLU C 319 6.63 19.65 -46.45
N GLN C 320 6.82 18.45 -46.99
CA GLN C 320 6.05 17.29 -46.55
C GLN C 320 6.17 17.11 -45.04
N GLY C 321 7.40 17.21 -44.55
CA GLY C 321 7.65 17.15 -43.12
C GLY C 321 7.02 18.35 -42.44
N GLN C 322 7.11 19.50 -43.11
CA GLN C 322 6.52 20.74 -42.63
C GLN C 322 5.02 20.63 -42.47
N GLU C 323 4.34 20.11 -43.50
CA GLU C 323 2.90 19.92 -43.46
C GLU C 323 2.50 18.91 -42.39
N LEU C 324 3.37 17.91 -42.19
CA LEU C 324 3.12 16.87 -41.21
C LEU C 324 3.28 17.42 -39.79
N LEU C 325 4.42 18.06 -39.54
CA LEU C 325 4.65 18.71 -38.25
C LEU C 325 3.58 19.76 -38.01
N ASP C 326 3.20 20.45 -39.08
CA ASP C 326 2.11 21.41 -39.02
C ASP C 326 0.87 20.74 -38.43
N GLN C 327 0.47 19.62 -39.02
CA GLN C 327 -0.73 18.91 -38.58
C GLN C 327 -0.61 18.35 -37.15
N PHE C 328 0.55 17.79 -36.82
CA PHE C 328 0.80 17.29 -35.47
C PHE C 328 0.57 18.38 -34.44
N LYS C 329 1.15 19.55 -34.70
CA LYS C 329 1.00 20.69 -33.80
C LYS C 329 -0.47 21.03 -33.55
N ALA C 330 -1.24 21.17 -34.62
CA ALA C 330 -2.68 21.41 -34.50
C ALA C 330 -3.37 20.29 -33.71
N ASP C 331 -2.95 19.05 -33.96
CA ASP C 331 -3.49 17.91 -33.22
C ASP C 331 -3.24 18.02 -31.73
N LEU C 332 -2.03 18.40 -31.34
CA LEU C 332 -1.74 18.56 -29.92
C LEU C 332 -2.56 19.69 -29.33
N LYS C 333 -2.59 20.83 -30.03
CA LYS C 333 -3.38 21.97 -29.58
C LYS C 333 -4.82 21.56 -29.34
N ALA C 334 -5.37 20.79 -30.29
CA ALA C 334 -6.75 20.33 -30.22
C ALA C 334 -6.98 19.47 -28.99
N VAL C 335 -6.16 18.43 -28.84
CA VAL C 335 -6.28 17.51 -27.71
C VAL C 335 -6.00 18.23 -26.39
N GLN C 336 -4.76 18.64 -26.19
CA GLN C 336 -4.37 19.27 -24.94
C GLN C 336 -4.37 20.80 -25.07
N ASP D 26 18.58 -22.02 8.72
CA ASP D 26 19.94 -22.45 8.45
C ASP D 26 20.90 -21.85 9.48
N ASN D 27 22.19 -21.99 9.21
CA ASN D 27 23.23 -21.50 10.12
C ASN D 27 23.42 -19.98 9.99
N TRP D 28 22.96 -19.24 11.00
CA TRP D 28 23.19 -17.79 11.06
C TRP D 28 24.57 -17.48 11.66
N ARG D 29 25.39 -16.71 10.94
CA ARG D 29 26.76 -16.40 11.39
C ARG D 29 26.82 -15.11 12.23
N TYR D 30 27.48 -15.21 13.38
CA TYR D 30 27.48 -14.16 14.41
C TYR D 30 28.89 -14.00 14.98
N ALA D 31 29.46 -12.81 14.88
CA ALA D 31 30.82 -12.58 15.37
C ALA D 31 30.88 -11.49 16.44
N HIS D 32 31.89 -11.58 17.31
CA HIS D 32 32.18 -10.49 18.24
C HIS D 32 33.68 -10.22 18.47
N GLU D 33 33.99 -9.27 19.35
CA GLU D 33 35.34 -8.73 19.48
C GLU D 33 36.21 -9.48 20.48
N GLU D 34 35.59 -10.37 21.25
CA GLU D 34 36.25 -10.85 22.46
C GLU D 34 36.41 -12.36 22.56
N TYR D 35 36.95 -12.80 23.70
CA TYR D 35 37.18 -14.21 23.98
C TYR D 35 36.04 -14.81 24.79
N GLU D 36 36.08 -16.13 24.94
CA GLU D 36 35.08 -16.89 25.67
C GLU D 36 34.92 -16.34 27.08
N GLY D 37 33.69 -16.15 27.51
CA GLY D 37 33.42 -15.70 28.86
C GLY D 37 33.53 -14.19 29.03
N ASP D 38 34.01 -13.48 28.01
CA ASP D 38 34.02 -12.02 28.06
C ASP D 38 32.59 -11.51 28.00
N VAL D 39 32.40 -10.23 28.28
CA VAL D 39 31.06 -9.65 28.32
C VAL D 39 30.27 -9.81 27.01
N GLN D 40 30.94 -9.64 25.89
CA GLN D 40 30.26 -9.79 24.60
C GLN D 40 29.93 -11.25 24.31
N ASP D 41 30.78 -12.16 24.78
CA ASP D 41 30.53 -13.58 24.57
C ASP D 41 29.31 -14.01 25.35
N VAL D 42 29.18 -13.43 26.54
CA VAL D 42 28.01 -13.65 27.38
C VAL D 42 26.75 -13.22 26.63
N PHE D 43 26.81 -12.06 25.99
CA PHE D 43 25.68 -11.60 25.20
C PHE D 43 25.39 -12.56 24.04
N ALA D 44 26.44 -12.94 23.32
CA ALA D 44 26.28 -13.78 22.13
C ALA D 44 25.72 -15.18 22.45
N GLN D 45 26.17 -15.78 23.54
CA GLN D 45 25.74 -17.14 23.86
C GLN D 45 24.27 -17.17 24.25
N ALA D 46 23.84 -16.14 24.96
CA ALA D 46 22.45 -16.01 25.35
C ALA D 46 21.59 -15.80 24.11
N PHE D 47 22.07 -14.98 23.19
CA PHE D 47 21.38 -14.75 21.94
C PHE D 47 21.23 -16.05 21.15
N LYS D 48 22.34 -16.78 21.06
CA LYS D 48 22.39 -18.05 20.35
C LYS D 48 21.43 -19.04 20.98
N GLY D 49 21.57 -19.24 22.29
CA GLY D 49 20.70 -20.12 23.04
C GLY D 49 19.22 -19.82 22.84
N TYR D 50 18.82 -18.56 22.97
CA TYR D 50 17.42 -18.21 22.81
C TYR D 50 16.90 -18.57 21.43
N VAL D 51 17.68 -18.22 20.39
CA VAL D 51 17.30 -18.56 19.03
C VAL D 51 17.17 -20.07 18.86
N GLU D 52 18.14 -20.81 19.39
CA GLU D 52 18.20 -22.25 19.23
C GLU D 52 17.16 -22.99 20.05
N ASP D 53 16.68 -22.36 21.12
CA ASP D 53 15.66 -22.96 21.97
C ASP D 53 14.30 -22.37 21.64
N ASN D 54 14.14 -21.91 20.41
CA ASN D 54 12.92 -21.22 20.02
C ASN D 54 12.64 -21.32 18.54
N SER D 55 13.46 -22.09 17.83
CA SER D 55 13.33 -22.18 16.37
C SER D 55 14.16 -23.31 15.79
N ASP D 56 14.04 -23.47 14.47
CA ASP D 56 14.83 -24.45 13.74
C ASP D 56 16.20 -23.87 13.45
N HIS D 57 16.38 -22.58 13.77
CA HIS D 57 17.61 -21.87 13.44
C HIS D 57 18.75 -22.08 14.44
N THR D 58 19.98 -22.12 13.92
CA THR D 58 21.16 -22.20 14.75
C THR D 58 22.07 -20.98 14.53
N VAL D 59 22.75 -20.56 15.58
CA VAL D 59 23.63 -19.40 15.51
C VAL D 59 25.10 -19.81 15.74
N GLN D 60 25.93 -19.58 14.73
CA GLN D 60 27.36 -19.89 14.83
C GLN D 60 28.13 -18.67 15.33
N VAL D 61 28.62 -18.74 16.58
CA VAL D 61 29.30 -17.60 17.19
C VAL D 61 30.82 -17.61 17.01
N TYR D 62 31.32 -16.68 16.20
CA TYR D 62 32.75 -16.52 16.01
C TYR D 62 33.30 -15.56 17.06
N ARG D 63 34.28 -16.04 17.82
CA ARG D 63 34.97 -15.20 18.79
C ARG D 63 36.16 -14.50 18.16
N PHE D 64 36.84 -13.65 18.93
CA PHE D 64 37.93 -12.85 18.42
C PHE D 64 38.94 -13.66 17.60
N GLY D 65 39.38 -13.12 16.47
CA GLY D 65 40.41 -13.73 15.66
C GLY D 65 39.96 -14.90 14.80
N GLU D 66 38.80 -15.47 15.11
CA GLU D 66 38.34 -16.65 14.38
C GLU D 66 37.91 -16.39 12.92
N LEU D 67 37.97 -15.14 12.46
CA LEU D 67 37.57 -14.84 11.08
C LEU D 67 38.60 -14.04 10.28
N GLY D 68 39.88 -14.23 10.58
CA GLY D 68 40.92 -13.51 9.87
C GLY D 68 41.25 -12.20 10.56
N GLU D 69 41.27 -11.11 9.80
CA GLU D 69 41.57 -9.79 10.37
C GLU D 69 40.44 -9.29 11.27
N SER D 70 40.76 -9.10 12.54
CA SER D 70 39.78 -8.69 13.54
C SER D 70 39.01 -7.47 13.08
N ASP D 71 39.69 -6.59 12.35
CA ASP D 71 39.07 -5.36 11.90
C ASP D 71 38.22 -5.50 10.63
N ASP D 72 38.01 -6.73 10.17
CA ASP D 72 37.20 -6.93 8.97
C ASP D 72 35.78 -7.44 9.24
N ILE D 73 35.46 -7.80 10.48
CA ILE D 73 34.15 -8.38 10.76
C ILE D 73 32.99 -7.42 10.49
N MET D 74 33.23 -6.13 10.64
CA MET D 74 32.20 -5.15 10.31
C MET D 74 31.89 -5.16 8.82
N GLU D 75 32.94 -5.00 8.01
CA GLU D 75 32.80 -5.07 6.56
C GLU D 75 32.18 -6.41 6.14
N GLN D 76 32.62 -7.49 6.77
CA GLN D 76 32.05 -8.80 6.52
C GLN D 76 30.55 -8.83 6.75
N THR D 77 30.09 -8.09 7.76
CA THR D 77 28.67 -8.07 8.11
C THR D 77 27.92 -7.18 7.15
N GLN D 78 28.54 -6.07 6.76
CA GLN D 78 27.98 -5.21 5.71
C GLN D 78 27.86 -5.99 4.40
N ASN D 79 28.86 -6.79 4.10
CA ASN D 79 28.89 -7.58 2.87
C ASN D 79 27.94 -8.76 2.90
N GLY D 80 27.42 -9.08 4.08
CA GLY D 80 26.43 -10.14 4.21
C GLY D 80 27.02 -11.52 4.34
N ILE D 81 28.34 -11.60 4.53
CA ILE D 81 28.96 -12.88 4.87
C ILE D 81 28.52 -13.28 6.28
N LEU D 82 28.47 -12.28 7.16
CA LEU D 82 27.99 -12.47 8.52
C LEU D 82 26.56 -11.95 8.61
N GLN D 83 25.75 -12.62 9.42
CA GLN D 83 24.38 -12.17 9.68
C GLN D 83 24.30 -11.20 10.85
N PHE D 84 25.05 -11.50 11.90
CA PHE D 84 25.06 -10.68 13.10
C PHE D 84 26.49 -10.35 13.50
N VAL D 85 26.69 -9.15 14.02
CA VAL D 85 27.99 -8.80 14.57
C VAL D 85 27.81 -7.94 15.81
N ASN D 86 28.73 -8.10 16.76
CA ASN D 86 28.81 -7.21 17.91
C ASN D 86 30.10 -6.43 17.87
N GLN D 87 30.00 -5.12 17.69
CA GLN D 87 31.18 -4.27 17.70
C GLN D 87 30.92 -2.99 18.48
N SER D 88 31.85 -2.65 19.35
CA SER D 88 31.77 -1.41 20.13
C SER D 88 31.77 -0.19 19.21
N PRO D 89 30.74 0.67 19.35
CA PRO D 89 30.68 1.90 18.55
C PRO D 89 32.01 2.64 18.60
N GLY D 90 32.66 2.63 19.76
CA GLY D 90 33.95 3.27 19.95
C GLY D 90 35.04 2.76 19.03
N PHE D 91 34.81 1.60 18.41
CA PHE D 91 35.80 1.04 17.48
C PHE D 91 35.25 1.01 16.07
N THR D 92 34.13 1.69 15.86
CA THR D 92 33.48 1.76 14.56
C THR D 92 33.75 3.10 13.90
N GLY D 93 34.67 3.87 14.49
CA GLY D 93 34.95 5.22 14.06
C GLY D 93 35.29 5.40 12.59
N SER D 94 36.07 4.48 12.04
CA SER D 94 36.46 4.55 10.63
C SER D 94 35.23 4.47 9.74
N LEU D 95 34.26 3.65 10.16
CA LEU D 95 33.03 3.44 9.40
C LEU D 95 31.98 4.50 9.75
N ILE D 96 31.73 4.68 11.03
CA ILE D 96 30.82 5.69 11.52
C ILE D 96 31.51 6.51 12.60
N PRO D 97 32.24 7.56 12.19
CA PRO D 97 32.99 8.40 13.13
C PRO D 97 32.20 8.80 14.37
N SER D 98 30.94 9.19 14.21
CA SER D 98 30.13 9.65 15.34
C SER D 98 29.82 8.50 16.32
N ALA D 99 30.13 7.28 15.92
CA ALA D 99 29.96 6.14 16.82
C ALA D 99 30.85 6.30 18.04
N GLN D 100 31.92 7.09 17.90
CA GLN D 100 32.89 7.28 18.96
C GLN D 100 32.39 8.20 20.06
N ILE D 101 31.13 8.62 19.97
CA ILE D 101 30.61 9.60 20.91
C ILE D 101 30.61 9.10 22.35
N PHE D 102 30.60 7.78 22.53
CA PHE D 102 30.54 7.20 23.87
C PHE D 102 31.86 7.31 24.61
N PHE D 103 32.87 7.90 23.98
CA PHE D 103 34.13 8.16 24.68
C PHE D 103 34.17 9.54 25.33
N ILE D 104 33.15 10.34 25.11
CA ILE D 104 33.04 11.65 25.75
C ILE D 104 32.64 11.46 27.21
N PRO D 105 33.38 12.08 28.13
CA PRO D 105 33.10 11.92 29.55
C PRO D 105 31.72 12.46 29.91
N TYR D 106 31.01 11.75 30.78
CA TYR D 106 29.75 12.23 31.36
C TYR D 106 28.67 12.49 30.32
N LEU D 107 28.80 11.85 29.17
CA LEU D 107 27.71 11.82 28.19
C LEU D 107 26.46 11.14 28.78
N MET D 108 26.68 10.23 29.71
CA MET D 108 25.57 9.46 30.28
C MET D 108 25.54 9.60 31.79
N PRO D 109 24.45 9.13 32.42
CA PRO D 109 24.26 9.27 33.87
C PRO D 109 25.39 8.62 34.66
N THR D 110 25.47 8.90 35.97
CA THR D 110 26.63 8.47 36.75
C THR D 110 26.36 7.30 37.69
N ASP D 111 25.26 6.58 37.47
CA ASP D 111 24.94 5.43 38.30
C ASP D 111 24.27 4.32 37.47
N MET D 112 24.62 3.08 37.76
CA MET D 112 24.12 1.94 37.00
C MET D 112 22.62 2.03 36.74
N ASP D 113 21.86 2.30 37.80
CA ASP D 113 20.41 2.37 37.69
C ASP D 113 19.99 3.33 36.58
N THR D 114 20.39 4.59 36.71
CA THR D 114 20.00 5.63 35.76
C THR D 114 20.57 5.39 34.36
N VAL D 115 21.78 4.86 34.30
CA VAL D 115 22.39 4.54 33.03
C VAL D 115 21.53 3.52 32.28
N LEU D 116 21.18 2.43 32.97
CA LEU D 116 20.30 1.41 32.40
C LEU D 116 18.98 1.98 31.91
N GLU D 117 18.44 2.95 32.67
CA GLU D 117 17.22 3.63 32.26
C GLU D 117 17.49 4.50 31.04
N PHE D 118 18.67 5.12 31.01
CA PHE D 118 19.06 5.99 29.91
C PHE D 118 19.04 5.24 28.58
N PHE D 119 19.51 3.99 28.58
CA PHE D 119 19.53 3.18 27.38
C PHE D 119 18.13 2.86 26.85
N ASP D 120 17.17 2.69 27.76
CA ASP D 120 15.79 2.39 27.37
C ASP D 120 15.10 3.62 26.79
N GLU D 121 15.42 4.79 27.33
CA GLU D 121 14.67 5.99 27.01
C GLU D 121 15.37 6.88 25.98
N SER D 122 16.69 6.92 26.02
CA SER D 122 17.45 7.81 25.15
C SER D 122 17.02 7.73 23.69
N LYS D 123 16.66 8.89 23.14
CA LYS D 123 16.25 8.97 21.74
C LYS D 123 17.44 8.90 20.81
N ALA D 124 18.61 9.27 21.31
CA ALA D 124 19.82 9.17 20.50
C ALA D 124 20.16 7.71 20.26
N ILE D 125 19.97 6.90 21.30
CA ILE D 125 20.28 5.47 21.24
C ILE D 125 19.19 4.63 20.56
N ASN D 126 17.92 4.94 20.81
CA ASN D 126 16.84 4.12 20.28
C ASN D 126 16.10 4.73 19.07
N GLU D 127 16.68 5.78 18.48
CA GLU D 127 16.09 6.36 17.28
C GLU D 127 17.15 6.88 16.33
N MET D 128 18.13 7.59 16.87
CA MET D 128 19.14 8.24 16.04
C MET D 128 20.20 7.28 15.49
N PHE D 129 20.94 6.62 16.38
CA PHE D 129 21.96 5.68 15.93
C PHE D 129 21.42 4.65 14.93
N PRO D 130 20.26 4.03 15.24
CA PRO D 130 19.63 3.15 14.25
C PRO D 130 19.67 3.73 12.85
N LYS D 131 19.29 5.01 12.71
CA LYS D 131 19.33 5.65 11.42
C LYS D 131 20.75 5.70 10.84
N LEU D 132 21.73 5.98 11.70
CA LEU D 132 23.11 6.06 11.23
C LEU D 132 23.61 4.73 10.67
N TYR D 133 23.29 3.65 11.36
CA TYR D 133 23.79 2.33 10.95
C TYR D 133 23.10 1.86 9.69
N ALA D 134 21.80 2.13 9.60
CA ALA D 134 21.01 1.74 8.44
C ALA D 134 21.65 2.26 7.15
N GLU D 135 22.22 3.45 7.22
CA GLU D 135 22.88 4.08 6.08
C GLU D 135 24.03 3.25 5.54
N HIS D 136 24.56 2.35 6.39
CA HIS D 136 25.67 1.50 5.98
C HIS D 136 25.24 0.04 5.91
N GLY D 137 23.95 -0.16 5.72
CA GLY D 137 23.42 -1.47 5.49
C GLY D 137 23.47 -2.36 6.72
N LEU D 138 23.44 -1.75 7.91
CA LEU D 138 23.33 -2.50 9.16
C LEU D 138 22.00 -2.18 9.83
N GLU D 139 21.35 -3.20 10.39
CA GLU D 139 20.15 -3.00 11.22
C GLU D 139 20.56 -3.08 12.68
N LEU D 140 20.67 -1.93 13.32
CA LEU D 140 21.08 -1.87 14.71
C LEU D 140 20.03 -2.51 15.59
N LEU D 141 20.42 -3.54 16.36
CA LEU D 141 19.48 -4.29 17.18
C LEU D 141 19.54 -3.92 18.66
N LYS D 142 20.72 -3.63 19.16
CA LYS D 142 20.88 -3.43 20.60
C LYS D 142 22.19 -2.76 20.98
N MET D 143 22.10 -1.69 21.76
CA MET D 143 23.24 -1.00 22.33
C MET D 143 23.27 -1.20 23.85
N TYR D 144 24.43 -1.58 24.38
CA TYR D 144 24.51 -1.91 25.80
C TYR D 144 25.87 -1.62 26.43
N PRO D 145 25.87 -1.30 27.73
CA PRO D 145 27.08 -1.07 28.52
C PRO D 145 27.72 -2.38 28.95
N GLU D 146 29.04 -2.45 28.94
CA GLU D 146 29.76 -3.63 29.37
C GLU D 146 30.29 -3.49 30.80
N GLY D 147 30.30 -2.25 31.30
CA GLY D 147 30.83 -2.00 32.63
C GLY D 147 31.24 -0.56 32.91
N GLU D 148 31.16 -0.17 34.17
CA GLU D 148 31.54 1.17 34.59
C GLU D 148 33.05 1.30 34.65
N MET D 149 33.56 2.38 34.09
CA MET D 149 34.99 2.67 34.21
C MET D 149 35.31 3.06 35.66
N VAL D 150 36.36 2.46 36.20
CA VAL D 150 36.80 2.80 37.54
C VAL D 150 38.26 3.21 37.44
N VAL D 151 38.66 4.19 38.24
CA VAL D 151 40.04 4.64 38.23
C VAL D 151 40.79 4.06 39.42
N THR D 152 42.04 3.65 39.20
CA THR D 152 42.93 3.30 40.31
C THR D 152 44.20 4.10 40.16
N ALA D 153 44.75 4.55 41.29
CA ALA D 153 45.96 5.36 41.30
C ALA D 153 46.67 5.28 42.65
N ASP D 154 47.77 6.02 42.76
CA ASP D 154 48.55 6.06 43.99
C ASP D 154 47.83 6.81 45.11
N GLU D 155 46.87 7.65 44.74
CA GLU D 155 46.07 8.36 45.73
C GLU D 155 44.61 8.40 45.29
N PRO D 156 43.70 8.75 46.21
CA PRO D 156 42.30 8.93 45.82
C PRO D 156 42.16 10.13 44.88
N ILE D 157 41.21 10.06 43.96
CA ILE D 157 40.99 11.17 43.03
C ILE D 157 39.73 11.92 43.40
N THR D 158 39.93 13.09 44.00
CA THR D 158 38.82 13.89 44.54
C THR D 158 38.41 15.00 43.56
N SER D 159 39.38 15.56 42.85
CA SER D 159 39.13 16.60 41.84
C SER D 159 40.10 16.46 40.66
N PRO D 160 39.79 17.11 39.54
CA PRO D 160 40.55 16.92 38.30
C PRO D 160 42.04 17.23 38.42
N GLU D 161 42.43 18.27 39.17
CA GLU D 161 43.84 18.59 39.26
C GLU D 161 44.61 17.49 40.04
N ASP D 162 43.88 16.59 40.70
CA ASP D 162 44.49 15.39 41.30
C ASP D 162 45.12 14.51 40.23
N PHE D 163 44.55 14.55 39.03
CA PHE D 163 45.11 13.80 37.92
C PHE D 163 46.42 14.40 37.45
N ASP D 164 46.65 15.66 37.81
CA ASP D 164 47.85 16.37 37.38
C ASP D 164 49.12 15.58 37.69
N ASN D 165 49.98 15.46 36.69
CA ASN D 165 51.27 14.80 36.86
C ASN D 165 51.17 13.28 37.04
N LYS D 166 49.98 12.73 36.83
CA LYS D 166 49.78 11.28 36.92
C LYS D 166 49.76 10.62 35.55
N LYS D 167 50.54 9.54 35.41
CA LYS D 167 50.57 8.75 34.18
C LYS D 167 49.45 7.72 34.18
N ILE D 168 48.42 7.95 33.37
CA ILE D 168 47.26 7.06 33.37
C ILE D 168 47.12 6.21 32.10
N ARG D 169 46.92 4.91 32.31
CA ARG D 169 46.76 3.96 31.21
C ARG D 169 45.29 3.75 30.90
N THR D 170 44.88 4.04 29.67
CA THR D 170 43.51 3.79 29.24
C THR D 170 43.52 2.99 27.96
N MET D 171 42.33 2.67 27.45
CA MET D 171 42.21 1.96 26.18
C MET D 171 42.79 2.78 25.02
N THR D 172 42.88 2.17 23.85
CA THR D 172 43.42 2.85 22.69
C THR D 172 42.32 3.53 21.90
N ASN D 173 42.35 4.87 21.92
CA ASN D 173 41.46 5.70 21.12
C ASN D 173 41.75 7.15 21.43
N PRO D 174 41.89 7.96 20.38
CA PRO D 174 42.19 9.40 20.48
C PRO D 174 41.30 10.11 21.51
N LEU D 175 40.02 9.78 21.52
CA LEU D 175 39.08 10.47 22.42
C LEU D 175 39.32 10.19 23.89
N LEU D 176 39.72 8.96 24.20
CA LEU D 176 40.04 8.58 25.58
C LEU D 176 41.31 9.27 26.08
N ALA D 177 42.30 9.37 25.20
CA ALA D 177 43.51 10.12 25.54
C ALA D 177 43.14 11.58 25.71
N GLU D 178 42.25 12.06 24.86
CA GLU D 178 41.79 13.45 24.94
C GLU D 178 41.09 13.69 26.27
N THR D 179 40.31 12.72 26.72
CA THR D 179 39.58 12.80 27.96
C THR D 179 40.53 13.01 29.16
N TYR D 180 41.62 12.25 29.19
CA TYR D 180 42.55 12.33 30.32
C TYR D 180 43.51 13.50 30.20
N LYS D 181 43.64 14.03 28.99
CA LYS D 181 44.33 15.29 28.80
C LYS D 181 43.49 16.39 29.45
N ALA D 182 42.21 16.42 29.11
CA ALA D 182 41.26 17.39 29.64
C ALA D 182 41.15 17.32 31.17
N PHE D 183 41.28 16.12 31.72
CA PHE D 183 41.27 15.92 33.16
C PHE D 183 42.58 16.37 33.80
N GLY D 184 43.60 16.58 32.98
CA GLY D 184 44.89 17.06 33.46
C GLY D 184 45.92 15.96 33.69
N ALA D 185 45.63 14.76 33.21
CA ALA D 185 46.52 13.63 33.40
C ALA D 185 47.39 13.41 32.16
N THR D 186 48.35 12.48 32.27
CA THR D 186 49.18 12.12 31.11
C THR D 186 48.85 10.72 30.60
N PRO D 187 48.16 10.63 29.45
CA PRO D 187 47.78 9.31 28.94
C PRO D 187 49.04 8.48 28.71
N THR D 188 49.01 7.21 29.08
CA THR D 188 50.20 6.38 28.99
C THR D 188 49.84 4.95 28.61
N PRO D 189 50.05 4.61 27.33
CA PRO D 189 49.73 3.30 26.76
C PRO D 189 50.58 2.18 27.36
N LEU D 190 49.95 1.03 27.56
CA LEU D 190 50.65 -0.17 27.99
C LEU D 190 49.81 -1.37 27.60
N PRO D 191 50.45 -2.40 27.03
CA PRO D 191 49.76 -3.66 26.82
C PRO D 191 49.20 -4.12 28.15
N TRP D 192 47.99 -4.68 28.12
CA TRP D 192 47.38 -5.18 29.34
C TRP D 192 48.36 -5.92 30.25
N GLY D 193 49.17 -6.78 29.67
CA GLY D 193 50.06 -7.64 30.45
C GLY D 193 51.20 -6.93 31.17
N GLU D 194 51.48 -5.70 30.80
CA GLU D 194 52.58 -4.97 31.44
C GLU D 194 52.05 -4.06 32.54
N VAL D 195 50.73 -4.02 32.67
CA VAL D 195 50.07 -3.10 33.57
C VAL D 195 50.42 -3.38 35.02
N TYR D 196 50.24 -4.61 35.46
CA TYR D 196 50.52 -4.95 36.85
C TYR D 196 51.91 -4.44 37.24
N GLY D 197 52.91 -4.82 36.45
CA GLY D 197 54.29 -4.41 36.69
C GLY D 197 54.46 -2.90 36.66
N GLY D 198 53.91 -2.27 35.62
CA GLY D 198 53.95 -0.84 35.45
C GLY D 198 53.45 -0.07 36.67
N LEU D 199 52.25 -0.41 37.12
CA LEU D 199 51.73 0.14 38.37
C LEU D 199 52.77 -0.03 39.47
N GLN D 200 53.26 -1.26 39.63
CA GLN D 200 54.15 -1.61 40.73
C GLN D 200 55.46 -0.81 40.77
N THR D 201 56.07 -0.60 39.61
CA THR D 201 57.35 0.10 39.54
C THR D 201 57.21 1.62 39.48
N GLY D 202 56.23 2.08 38.71
CA GLY D 202 55.98 3.51 38.57
C GLY D 202 56.07 3.97 37.13
N ILE D 203 56.01 3.01 36.21
CA ILE D 203 55.97 3.31 34.79
C ILE D 203 54.69 4.07 34.50
N ILE D 204 53.62 3.69 35.21
CA ILE D 204 52.38 4.43 35.22
C ILE D 204 51.91 4.62 36.66
N ASP D 205 51.06 5.62 36.89
CA ASP D 205 50.62 5.96 38.23
C ASP D 205 49.18 5.53 38.50
N GLY D 206 48.52 5.02 37.47
CA GLY D 206 47.16 4.53 37.61
C GLY D 206 46.55 4.15 36.28
N GLN D 207 45.29 3.72 36.31
CA GLN D 207 44.64 3.23 35.10
C GLN D 207 43.14 3.19 35.29
N GLU D 208 42.41 2.90 34.22
CA GLU D 208 40.96 2.79 34.29
C GLU D 208 40.48 1.51 33.59
N ASN D 209 39.48 0.86 34.19
CA ASN D 209 38.94 -0.40 33.70
C ASN D 209 37.65 -0.69 34.44
N PRO D 210 36.90 -1.70 33.99
CA PRO D 210 35.75 -2.15 34.78
C PRO D 210 36.24 -2.86 36.04
N ILE D 211 35.44 -2.80 37.10
CA ILE D 211 35.86 -3.31 38.40
C ILE D 211 36.26 -4.79 38.39
N PHE D 212 35.68 -5.56 37.47
CA PHE D 212 36.00 -6.98 37.39
C PHE D 212 37.35 -7.25 36.73
N TRP D 213 37.88 -6.25 36.05
CA TRP D 213 39.19 -6.38 35.43
C TRP D 213 40.28 -5.99 36.41
N ILE D 214 39.93 -5.11 37.35
CA ILE D 214 40.84 -4.67 38.38
C ILE D 214 40.99 -5.79 39.41
N GLU D 215 39.89 -6.51 39.63
CA GLU D 215 39.90 -7.66 40.52
C GLU D 215 40.70 -8.79 39.88
N SER D 216 40.24 -9.29 38.75
CA SER D 216 40.90 -10.41 38.10
C SER D 216 42.38 -10.14 37.85
N GLY D 217 42.73 -8.88 37.58
CA GLY D 217 44.11 -8.53 37.27
C GLY D 217 44.93 -8.23 38.50
N GLY D 218 44.30 -8.33 39.67
CA GLY D 218 44.97 -8.04 40.92
C GLY D 218 45.63 -6.68 40.83
N LEU D 219 44.90 -5.72 40.26
CA LEU D 219 45.42 -4.36 40.09
C LEU D 219 45.45 -3.58 41.40
N TYR D 220 44.45 -3.79 42.24
CA TYR D 220 44.35 -3.16 43.55
C TYR D 220 45.59 -3.43 44.42
N GLU D 221 46.29 -4.53 44.15
CA GLU D 221 47.50 -4.88 44.90
C GLU D 221 48.64 -3.91 44.61
N VAL D 222 48.66 -3.34 43.42
CA VAL D 222 49.70 -2.37 43.06
C VAL D 222 49.10 -0.98 42.79
N SER D 223 47.77 -0.88 42.90
CA SER D 223 47.06 0.38 42.75
C SER D 223 45.86 0.36 43.69
N PRO D 224 46.08 0.78 44.94
CA PRO D 224 45.20 0.50 46.08
C PRO D 224 43.98 1.42 46.16
N ASN D 225 44.07 2.60 45.56
CA ASN D 225 42.99 3.58 45.66
C ASN D 225 42.09 3.56 44.44
N LEU D 226 40.90 3.02 44.64
CA LEU D 226 39.89 2.99 43.60
C LEU D 226 39.06 4.25 43.74
N THR D 227 38.92 4.98 42.64
CA THR D 227 38.01 6.11 42.61
C THR D 227 36.94 5.86 41.57
N PHE D 228 35.69 5.90 42.00
CA PHE D 228 34.56 5.87 41.07
C PHE D 228 34.25 7.28 40.60
N THR D 229 34.71 7.60 39.39
CA THR D 229 34.49 8.93 38.82
C THR D 229 33.21 8.97 37.99
N SER D 230 32.83 7.81 37.47
CA SER D 230 31.52 7.64 36.81
C SER D 230 31.37 8.40 35.49
N HIS D 231 32.49 8.61 34.80
CA HIS D 231 32.49 9.37 33.55
C HIS D 231 32.29 8.45 32.34
N GLY D 232 32.62 7.17 32.52
CA GLY D 232 32.66 6.25 31.42
C GLY D 232 31.91 4.95 31.63
N TRP D 233 31.15 4.57 30.61
CA TRP D 233 30.38 3.33 30.61
C TRP D 233 30.64 2.66 29.27
N PHE D 234 31.63 1.78 29.21
CA PHE D 234 32.01 1.21 27.94
C PHE D 234 30.82 0.59 27.23
N THR D 235 30.39 1.26 26.17
CA THR D 235 29.20 0.85 25.42
C THR D 235 29.57 0.08 24.17
N THR D 236 28.81 -0.97 23.88
CA THR D 236 29.04 -1.77 22.69
C THR D 236 27.72 -1.94 21.95
N ALA D 237 27.79 -2.47 20.73
CA ALA D 237 26.62 -2.54 19.88
C ALA D 237 26.53 -3.87 19.13
N MET D 238 25.31 -4.42 19.08
CA MET D 238 25.03 -5.64 18.30
C MET D 238 24.05 -5.34 17.16
N MET D 239 24.35 -5.87 15.98
CA MET D 239 23.55 -5.53 14.78
C MET D 239 23.49 -6.67 13.78
N ALA D 240 22.59 -6.52 12.80
CA ALA D 240 22.42 -7.51 11.75
C ALA D 240 22.68 -6.89 10.41
N ASN D 241 23.13 -7.69 9.45
CA ASN D 241 23.16 -7.24 8.08
C ASN D 241 21.72 -6.89 7.70
N GLN D 242 21.52 -5.68 7.16
CA GLN D 242 20.18 -5.15 6.98
C GLN D 242 19.36 -5.90 5.93
N ASP D 243 19.97 -6.16 4.77
CA ASP D 243 19.29 -6.89 3.71
C ASP D 243 18.86 -8.29 4.20
N PHE D 244 19.72 -8.92 4.99
CA PHE D 244 19.38 -10.19 5.62
C PHE D 244 18.20 -10.04 6.56
N TYR D 245 18.22 -9.00 7.38
CA TYR D 245 17.12 -8.79 8.33
C TYR D 245 15.81 -8.52 7.60
N GLU D 246 15.86 -7.65 6.59
CA GLU D 246 14.69 -7.26 5.82
C GLU D 246 14.09 -8.44 5.04
N GLY D 247 14.89 -9.46 4.78
CA GLY D 247 14.43 -10.60 4.01
C GLY D 247 13.88 -11.74 4.85
N LEU D 248 13.95 -11.58 6.17
CA LEU D 248 13.39 -12.56 7.08
C LEU D 248 11.87 -12.44 7.09
N SER D 249 11.19 -13.48 7.58
CA SER D 249 9.75 -13.44 7.75
C SER D 249 9.42 -12.69 9.04
N GLU D 250 8.24 -12.07 9.08
CA GLU D 250 7.78 -11.38 10.27
C GLU D 250 8.14 -12.20 11.50
N GLU D 251 7.84 -13.50 11.43
CA GLU D 251 8.07 -14.41 12.53
C GLU D 251 9.55 -14.46 12.91
N ASP D 252 10.41 -14.62 11.91
CA ASP D 252 11.85 -14.67 12.14
C ASP D 252 12.39 -13.37 12.73
N GLN D 253 11.98 -12.24 12.15
CA GLN D 253 12.42 -10.94 12.64
C GLN D 253 12.09 -10.77 14.13
N GLN D 254 10.83 -10.98 14.48
CA GLN D 254 10.40 -10.87 15.87
C GLN D 254 11.21 -11.81 16.76
N LEU D 255 11.63 -12.94 16.20
CA LEU D 255 12.44 -13.87 16.97
C LEU D 255 13.82 -13.26 17.26
N VAL D 256 14.42 -12.64 16.25
CA VAL D 256 15.71 -11.97 16.44
C VAL D 256 15.62 -10.91 17.53
N GLN D 257 14.54 -10.13 17.50
CA GLN D 257 14.30 -9.11 18.51
C GLN D 257 14.17 -9.73 19.89
N ASP D 258 13.41 -10.82 19.98
CA ASP D 258 13.22 -11.51 21.24
C ASP D 258 14.55 -12.03 21.78
N ALA D 259 15.39 -12.52 20.88
CA ALA D 259 16.71 -13.02 21.27
C ALA D 259 17.62 -11.90 21.77
N ALA D 260 17.54 -10.75 21.12
CA ALA D 260 18.30 -9.57 21.54
C ALA D 260 17.90 -9.07 22.94
N ASP D 261 16.59 -9.06 23.23
CA ASP D 261 16.09 -8.70 24.55
C ASP D 261 16.60 -9.68 25.59
N ALA D 262 16.40 -10.95 25.32
CA ALA D 262 16.87 -12.01 26.18
C ALA D 262 18.33 -11.77 26.56
N ALA D 263 19.19 -11.72 25.55
CA ALA D 263 20.62 -11.58 25.78
C ALA D 263 20.95 -10.25 26.49
N TYR D 264 20.18 -9.21 26.18
CA TYR D 264 20.38 -7.92 26.81
C TYR D 264 20.17 -8.01 28.32
N ASP D 265 19.07 -8.64 28.72
CA ASP D 265 18.75 -8.75 30.13
C ASP D 265 19.75 -9.67 30.83
N HIS D 266 20.05 -10.81 30.21
CA HIS D 266 21.02 -11.75 30.76
C HIS D 266 22.37 -11.07 30.96
N THR D 267 22.85 -10.39 29.93
CA THR D 267 24.12 -9.69 29.99
C THR D 267 24.13 -8.64 31.10
N ILE D 268 23.09 -7.80 31.13
CA ILE D 268 22.99 -6.79 32.17
C ILE D 268 23.04 -7.42 33.56
N GLU D 269 22.34 -8.53 33.73
CA GLU D 269 22.34 -9.25 35.01
C GLU D 269 23.74 -9.78 35.34
N HIS D 270 24.41 -10.32 34.32
CA HIS D 270 25.78 -10.80 34.50
C HIS D 270 26.72 -9.68 34.96
N ILE D 271 26.59 -8.52 34.34
CA ILE D 271 27.44 -7.37 34.70
C ILE D 271 27.21 -6.92 36.14
N LYS D 272 25.95 -6.72 36.51
CA LYS D 272 25.61 -6.30 37.87
C LYS D 272 26.24 -7.24 38.89
N GLY D 273 25.87 -8.51 38.80
CA GLY D 273 26.42 -9.52 39.67
C GLY D 273 27.94 -9.56 39.65
N LEU D 274 28.52 -9.42 38.47
CA LEU D 274 29.98 -9.47 38.34
C LEU D 274 30.65 -8.27 38.99
N SER D 275 30.05 -7.09 38.84
CA SER D 275 30.63 -5.88 39.41
C SER D 275 30.63 -5.91 40.93
N GLU D 276 29.46 -6.16 41.54
CA GLU D 276 29.36 -6.16 42.99
C GLU D 276 30.33 -7.17 43.60
N GLU D 277 30.30 -8.41 43.09
CA GLU D 277 31.13 -9.47 43.62
C GLU D 277 32.61 -9.15 43.47
N SER D 278 32.96 -8.43 42.41
CA SER D 278 34.33 -8.01 42.20
C SER D 278 34.77 -7.02 43.27
N LEU D 279 33.88 -6.08 43.58
CA LEU D 279 34.17 -5.05 44.57
C LEU D 279 34.34 -5.66 45.95
N GLU D 280 33.44 -6.58 46.29
CA GLU D 280 33.49 -7.26 47.58
C GLU D 280 34.78 -8.05 47.71
N LYS D 281 35.16 -8.74 46.64
CA LYS D 281 36.41 -9.49 46.63
C LYS D 281 37.60 -8.57 46.90
N ILE D 282 37.68 -7.47 46.15
CA ILE D 282 38.80 -6.54 46.28
C ILE D 282 38.95 -6.02 47.71
N LYS D 283 37.85 -5.57 48.30
CA LYS D 283 37.86 -5.06 49.67
C LYS D 283 38.40 -6.11 50.65
N ALA D 284 37.87 -7.32 50.56
CA ALA D 284 38.21 -8.38 51.51
C ALA D 284 39.59 -8.96 51.26
N ALA D 285 40.33 -8.41 50.31
CA ALA D 285 41.63 -8.96 49.98
C ALA D 285 42.79 -8.09 50.44
N SER D 286 42.47 -6.85 50.83
CA SER D 286 43.50 -5.94 51.33
C SER D 286 42.95 -4.94 52.34
N ASP D 287 43.80 -4.56 53.29
CA ASP D 287 43.48 -3.50 54.23
C ASP D 287 43.92 -2.17 53.63
N GLU D 288 44.79 -2.26 52.62
CA GLU D 288 45.39 -1.09 52.00
C GLU D 288 44.47 -0.41 51.00
N VAL D 289 43.43 -1.11 50.57
CA VAL D 289 42.50 -0.60 49.56
C VAL D 289 41.55 0.48 50.08
N THR D 290 41.51 1.61 49.39
CA THR D 290 40.53 2.65 49.68
C THR D 290 39.58 2.79 48.50
N VAL D 291 38.30 3.01 48.81
CA VAL D 291 37.29 3.20 47.78
C VAL D 291 36.68 4.57 47.88
N THR D 292 36.94 5.41 46.89
CA THR D 292 36.34 6.74 46.83
C THR D 292 35.21 6.79 45.81
N ARG D 293 34.03 7.20 46.27
CA ARG D 293 32.92 7.45 45.37
C ARG D 293 32.64 8.94 45.32
N LEU D 294 32.64 9.50 44.12
CA LEU D 294 32.41 10.94 43.96
C LEU D 294 30.95 11.32 44.14
N ASN D 295 30.71 12.38 44.91
CA ASN D 295 29.38 12.97 44.99
C ASN D 295 29.13 13.86 43.77
N ASP D 296 27.89 14.34 43.62
CA ASP D 296 27.53 15.17 42.48
C ASP D 296 28.40 16.44 42.42
N GLU D 297 28.64 17.07 43.56
CA GLU D 297 29.47 18.26 43.64
C GLU D 297 30.86 18.01 43.02
N GLN D 298 31.56 17.02 43.56
CA GLN D 298 32.88 16.65 43.05
C GLN D 298 32.82 16.31 41.57
N ILE D 299 31.78 15.57 41.18
CA ILE D 299 31.59 15.16 39.79
C ILE D 299 31.37 16.33 38.85
N GLN D 300 30.83 17.42 39.38
CA GLN D 300 30.54 18.60 38.58
C GLN D 300 31.82 19.26 38.07
N ALA D 301 32.84 19.30 38.91
CA ALA D 301 34.13 19.87 38.51
C ALA D 301 34.77 19.05 37.38
N PHE D 302 34.55 17.74 37.37
CA PHE D 302 35.00 16.87 36.27
C PHE D 302 34.19 17.13 35.00
N LYS D 303 32.89 17.34 35.16
CA LYS D 303 32.02 17.57 34.02
C LYS D 303 32.44 18.80 33.21
N GLU D 304 33.07 19.76 33.89
CA GLU D 304 33.46 21.00 33.26
C GLU D 304 34.63 20.82 32.31
N ARG D 305 35.31 19.69 32.43
CA ARG D 305 36.44 19.40 31.55
C ARG D 305 35.97 18.72 30.27
N ALA D 306 34.70 18.31 30.27
CA ALA D 306 34.15 17.51 29.17
C ALA D 306 34.08 18.25 27.82
N PRO D 307 33.64 19.52 27.83
CA PRO D 307 33.51 20.29 26.59
C PRO D 307 34.77 20.25 25.72
N GLN D 308 35.94 20.15 26.34
CA GLN D 308 37.16 20.00 25.58
C GLN D 308 37.15 18.73 24.75
N VAL D 309 36.67 17.63 25.33
CA VAL D 309 36.52 16.40 24.58
C VAL D 309 35.36 16.52 23.57
N GLU D 310 34.27 17.15 24.00
CA GLU D 310 33.12 17.33 23.12
C GLU D 310 33.56 18.03 21.85
N GLU D 311 34.41 19.04 22.00
CA GLU D 311 34.91 19.81 20.86
C GLU D 311 35.76 18.97 19.91
N LYS D 312 36.65 18.16 20.47
CA LYS D 312 37.52 17.32 19.65
C LYS D 312 36.66 16.31 18.90
N PHE D 313 35.49 16.02 19.44
CA PHE D 313 34.58 15.04 18.83
C PHE D 313 33.87 15.66 17.65
N ILE D 314 33.51 16.94 17.79
CA ILE D 314 32.83 17.65 16.71
C ILE D 314 33.79 17.92 15.56
N GLU D 315 35.05 18.21 15.88
CA GLU D 315 36.09 18.35 14.87
C GLU D 315 36.20 17.08 14.05
N MET D 316 36.07 15.94 14.72
CA MET D 316 36.19 14.63 14.07
C MET D 316 34.95 14.25 13.27
N THR D 317 33.77 14.67 13.73
CA THR D 317 32.53 14.12 13.18
C THR D 317 31.62 15.13 12.46
N GLY D 318 32.01 16.41 12.47
CA GLY D 318 31.24 17.43 11.79
C GLY D 318 29.78 17.53 12.20
N GLU D 319 28.92 17.77 11.23
CA GLU D 319 27.50 18.03 11.47
C GLU D 319 26.78 16.84 12.10
N GLN D 320 27.10 15.64 11.63
CA GLN D 320 26.47 14.43 12.16
C GLN D 320 26.71 14.30 13.65
N GLY D 321 27.96 14.49 14.08
CA GLY D 321 28.32 14.37 15.48
C GLY D 321 27.59 15.38 16.34
N GLN D 322 27.59 16.63 15.89
CA GLN D 322 26.93 17.73 16.60
C GLN D 322 25.45 17.44 16.77
N GLU D 323 24.80 17.07 15.68
CA GLU D 323 23.40 16.68 15.69
C GLU D 323 23.19 15.60 16.76
N LEU D 324 24.13 14.65 16.82
CA LEU D 324 24.04 13.52 17.72
C LEU D 324 24.28 13.92 19.18
N LEU D 325 25.38 14.64 19.41
CA LEU D 325 25.70 15.15 20.73
C LEU D 325 24.54 15.98 21.31
N ASP D 326 23.86 16.71 20.44
CA ASP D 326 22.73 17.54 20.84
C ASP D 326 21.67 16.70 21.52
N GLN D 327 21.29 15.61 20.87
CA GLN D 327 20.24 14.75 21.39
C GLN D 327 20.66 14.06 22.69
N PHE D 328 21.91 13.62 22.76
CA PHE D 328 22.43 13.03 24.00
C PHE D 328 22.24 13.98 25.19
N LYS D 329 22.63 15.24 25.03
CA LYS D 329 22.41 16.25 26.07
C LYS D 329 20.92 16.38 26.41
N ALA D 330 20.09 16.38 25.37
CA ALA D 330 18.65 16.46 25.56
C ALA D 330 18.15 15.28 26.38
N ASP D 331 18.67 14.10 26.07
CA ASP D 331 18.21 12.87 26.70
C ASP D 331 18.65 12.77 28.17
N LEU D 332 19.90 13.12 28.43
CA LEU D 332 20.45 13.06 29.77
C LEU D 332 19.65 13.98 30.71
N LYS D 333 19.36 15.18 30.21
CA LYS D 333 18.53 16.15 30.91
C LYS D 333 17.24 15.48 31.33
N ALA D 334 16.55 14.88 30.38
CA ALA D 334 15.27 14.24 30.63
C ALA D 334 15.36 13.14 31.69
N VAL D 335 16.24 12.18 31.48
CA VAL D 335 16.38 11.05 32.41
C VAL D 335 16.65 11.53 33.82
N GLN D 336 17.41 12.63 33.93
CA GLN D 336 17.71 13.22 35.22
C GLN D 336 16.64 14.22 35.64
ZN ZN E . -3.11 -11.06 64.20
ZN ZN F . 3.11 -3.15 59.14
ZN ZN G . -6.54 -19.09 37.34
ZN ZN H . -12.39 17.42 16.69
ZN ZN I . -1.91 16.44 35.23
ZN ZN J . 13.14 -5.70 27.82
ZN ZN K . -13.06 -7.64 34.54
ZN ZN L . -26.17 -9.46 7.93
ZN ZN M . -34.43 -5.64 -22.93
ZN ZN N . -20.58 -1.44 2.89
ZN ZN O . -31.38 18.98 -18.49
ZN ZN P . -9.58 -0.08 -29.17
ZN ZN Q . -17.73 -16.20 -24.85
ZN ZN R . -27.16 -16.61 -20.28
ZN ZN S . -34.77 21.20 -38.50
ZN ZN T . -33.99 0.82 -35.50
ZN ZN U . -17.05 -3.83 -44.05
ZN ZN V . -23.19 7.19 -51.69
ZN ZN W . -16.11 -8.89 -35.95
ZN ZN X . -21.56 -18.78 -23.51
ZN ZN Y . -15.78 -3.67 -37.73
ZN ZN Z . -10.54 -15.73 -46.98
ZN ZN AA . -0.59 -0.98 -56.06
ZN ZN BA . 0.62 -10.26 -22.42
ZN ZN CA . -6.37 -9.28 -24.99
ZN ZN DA . 10.15 -2.93 -29.01
ZN ZN EA . -9.88 11.30 -22.20
ZN ZN FA . -9.92 14.09 -26.59
ZN ZN GA . 27.14 -14.42 34.89
ZN ZN HA . 29.16 6.96 6.19
ZN ZN IA . 12.94 -19.25 9.86
ZN ZN JA . 19.90 -14.67 32.16
ZN ZN KA . 11.83 -5.15 22.37
ZN ZN LA . 21.81 17.03 9.63
ZN ZN MA . 12.55 7.24 33.16
ZN ZN NA . 34.23 -6.21 26.72
#